data_6N1C
#
_entry.id   6N1C
#
_cell.length_a   64.080
_cell.length_b   119.940
_cell.length_c   74.900
_cell.angle_alpha   90.000
_cell.angle_beta   109.590
_cell.angle_gamma   90.000
#
_symmetry.space_group_name_H-M   'P 1 21 1'
#
loop_
_entity.id
_entity.type
_entity.pdbx_description
1 polymer 'Inorganic pyrophosphatase'
2 non-polymer 'SODIUM ION'
3 non-polymer (4S)-2-METHYL-2,4-PENTANEDIOL
4 non-polymer ALANINE
5 non-polymer (4R)-2-METHYLPENTANE-2,4-DIOL
6 water water
#
_entity_poly.entity_id   1
_entity_poly.type   'polypeptide(L)'
_entity_poly.pdbx_seq_one_letter_code
;MAHHHHHHMSLMEIQSGRDVPNEVNVIIEIPMHGEPVKYEVDKKTGALFVDRFMTTAMFYPTNYGYIPNTLSEDGDPVDV
LVITPVPLISGAVISCRAVGMLKMTDESGVDAKILAVPTTKLSKMYQSMQTYQDIPQHLLLSIEHFFKHYKDLEEGKWVK
VEGWVGPDAAREEITSSINRYNHTKK
;
_entity_poly.pdbx_strand_id   A,B,C,D,E,F
#
loop_
_chem_comp.id
_chem_comp.type
_chem_comp.name
_chem_comp.formula
MPD non-polymer (4S)-2-METHYL-2,4-PENTANEDIOL 'C6 H14 O2'
MRD non-polymer (4R)-2-METHYLPENTANE-2,4-DIOL 'C6 H14 O2'
NA non-polymer 'SODIUM ION' 'Na 1'
#
# COMPACT_ATOMS: atom_id res chain seq x y z
N MET A 12 10.34 0.28 28.26
CA MET A 12 11.44 -0.22 27.44
C MET A 12 12.80 0.16 28.05
N GLU A 13 13.86 -0.46 27.53
CA GLU A 13 15.23 -0.20 27.96
C GLU A 13 16.05 0.53 26.91
N ILE A 14 15.41 1.11 25.90
CA ILE A 14 16.11 1.90 24.90
C ILE A 14 16.64 3.18 25.53
N GLN A 15 17.94 3.43 25.38
CA GLN A 15 18.57 4.62 25.93
C GLN A 15 18.34 5.81 25.00
N SER A 16 18.56 7.02 25.55
CA SER A 16 18.23 8.21 24.77
C SER A 16 19.25 8.50 23.67
N GLY A 17 20.47 7.99 23.79
CA GLY A 17 21.39 8.13 22.68
C GLY A 17 22.85 7.89 22.97
N ARG A 18 23.58 7.42 21.96
CA ARG A 18 25.01 7.16 22.11
C ARG A 18 25.75 8.45 22.45
N ASP A 19 25.61 9.47 21.61
CA ASP A 19 26.30 10.73 21.81
C ASP A 19 25.29 11.86 21.92
N VAL A 20 24.42 11.82 22.93
CA VAL A 20 23.46 12.90 23.17
C VAL A 20 24.26 14.17 23.47
N PRO A 21 23.79 15.35 23.05
CA PRO A 21 22.56 15.59 22.30
C PRO A 21 22.79 15.63 20.79
N ASN A 22 23.99 15.27 20.36
CA ASN A 22 24.34 15.36 18.95
C ASN A 22 23.71 14.23 18.16
N GLU A 23 23.64 13.06 18.75
CA GLU A 23 22.95 11.92 18.16
C GLU A 23 22.01 11.35 19.20
N VAL A 24 20.74 11.16 18.84
CA VAL A 24 19.74 10.67 19.77
C VAL A 24 18.98 9.54 19.10
N ASN A 25 18.47 8.63 19.92
CA ASN A 25 17.59 7.58 19.47
C ASN A 25 16.17 8.09 19.49
N VAL A 26 15.42 7.84 18.42
CA VAL A 26 14.03 8.26 18.34
C VAL A 26 13.17 7.02 18.13
N ILE A 27 12.16 6.86 18.97
CA ILE A 27 11.17 5.80 18.79
C ILE A 27 10.02 6.33 17.94
N ILE A 28 9.75 5.66 16.83
CA ILE A 28 8.73 6.12 15.90
C ILE A 28 7.36 5.73 16.40
N GLU A 29 6.44 6.70 16.44
CA GLU A 29 5.04 6.44 16.72
C GLU A 29 4.15 6.45 15.48
N ILE A 30 4.41 7.35 14.53
CA ILE A 30 3.55 7.56 13.37
C ILE A 30 4.42 7.62 12.11
N PRO A 31 4.18 6.79 11.09
CA PRO A 31 5.00 6.87 9.88
C PRO A 31 4.64 8.10 9.06
N MET A 32 5.60 8.56 8.25
CA MET A 32 5.29 9.61 7.29
C MET A 32 4.25 9.12 6.31
N HIS A 33 3.36 10.04 5.89
CA HIS A 33 2.35 9.75 4.85
C HIS A 33 1.49 8.52 5.21
N GLY A 34 1.23 8.34 6.49
CA GLY A 34 0.58 7.14 6.96
C GLY A 34 -0.92 7.30 7.11
N GLU A 35 -1.55 6.26 7.67
CA GLU A 35 -2.97 6.30 7.93
C GLU A 35 -3.28 7.38 8.96
N PRO A 36 -4.44 7.99 8.87
CA PRO A 36 -4.80 9.01 9.86
C PRO A 36 -5.14 8.43 11.23
N VAL A 37 -4.18 7.72 11.82
CA VAL A 37 -4.30 7.15 13.16
C VAL A 37 -3.17 7.78 13.99
N LYS A 38 -3.54 8.39 15.11
CA LYS A 38 -2.56 9.06 15.97
C LYS A 38 -2.16 8.07 17.06
N TYR A 39 -1.13 7.29 16.76
CA TYR A 39 -0.59 6.36 17.75
C TYR A 39 0.31 7.08 18.75
N GLU A 40 0.36 6.55 19.97
CA GLU A 40 1.26 7.05 20.98
C GLU A 40 1.73 5.89 21.82
N VAL A 41 3.02 5.86 22.12
CA VAL A 41 3.54 4.87 23.06
C VAL A 41 3.15 5.25 24.47
N ASP A 42 2.62 4.29 25.21
CA ASP A 42 2.45 4.44 26.64
C ASP A 42 3.85 4.41 27.25
N LYS A 43 4.32 5.56 27.70
CA LYS A 43 5.71 5.64 28.18
C LYS A 43 5.94 4.73 29.38
N LYS A 44 4.88 4.42 30.13
CA LYS A 44 5.02 3.52 31.26
C LYS A 44 5.24 2.08 30.81
N THR A 45 4.37 1.57 29.93
CA THR A 45 4.38 0.14 29.57
C THR A 45 5.09 -0.18 28.27
N GLY A 46 5.35 0.82 27.42
CA GLY A 46 5.93 0.60 26.11
C GLY A 46 4.96 0.14 25.04
N ALA A 47 3.66 0.06 25.34
CA ALA A 47 2.69 -0.40 24.37
C ALA A 47 2.26 0.75 23.46
N LEU A 48 1.98 0.42 22.20
CA LEU A 48 1.52 1.40 21.21
C LEU A 48 -0.01 1.49 21.27
N PHE A 49 -0.55 2.61 21.76
CA PHE A 49 -2.00 2.72 21.85
CA PHE A 49 -1.98 2.84 21.95
C PHE A 49 -2.50 3.74 20.84
N VAL A 50 -3.81 3.66 20.57
CA VAL A 50 -4.47 4.61 19.68
C VAL A 50 -4.90 5.81 20.55
N ASP A 51 -4.27 6.97 20.33
CA ASP A 51 -4.68 8.15 21.08
C ASP A 51 -5.95 8.75 20.53
N ARG A 52 -6.04 8.91 19.22
CA ARG A 52 -7.24 9.39 18.56
C ARG A 52 -7.09 9.14 17.08
N PHE A 53 -8.18 9.31 16.36
CA PHE A 53 -8.15 9.29 14.91
C PHE A 53 -8.08 10.74 14.45
N MET A 54 -7.33 10.97 13.37
CA MET A 54 -7.30 12.30 12.77
C MET A 54 -8.69 12.64 12.28
N THR A 55 -9.09 13.90 12.48
CA THR A 55 -10.40 14.36 12.03
C THR A 55 -10.31 15.34 10.88
N THR A 56 -9.12 15.72 10.48
CA THR A 56 -8.91 16.40 9.20
C THR A 56 -8.22 15.43 8.26
N ALA A 57 -8.34 15.70 6.96
CA ALA A 57 -7.76 14.83 5.93
C ALA A 57 -6.30 15.23 5.68
N MET A 58 -5.47 14.96 6.69
CA MET A 58 -4.07 15.36 6.67
C MET A 58 -3.21 14.14 7.04
N PHE A 59 -1.94 14.19 6.63
CA PHE A 59 -0.99 13.15 6.99
C PHE A 59 0.32 13.80 7.45
N TYR A 60 1.08 13.09 8.27
CA TYR A 60 2.34 13.66 8.77
C TYR A 60 3.34 13.71 7.62
N PRO A 61 3.91 14.87 7.29
CA PRO A 61 4.87 14.94 6.17
C PRO A 61 6.23 14.32 6.48
N THR A 62 6.51 14.00 7.73
CA THR A 62 7.69 13.24 8.13
C THR A 62 7.24 12.10 9.04
N ASN A 63 8.16 11.19 9.39
CA ASN A 63 7.85 10.30 10.50
C ASN A 63 7.81 11.10 11.80
N TYR A 64 7.12 10.55 12.81
CA TYR A 64 6.89 11.27 14.06
C TYR A 64 7.14 10.32 15.22
N GLY A 65 7.92 10.76 16.20
CA GLY A 65 8.21 9.94 17.36
C GLY A 65 8.73 10.78 18.52
N TYR A 66 9.46 10.13 19.44
CA TYR A 66 9.94 10.81 20.64
C TYR A 66 11.29 10.23 21.08
N ILE A 67 12.01 11.01 21.88
CA ILE A 67 13.27 10.57 22.48
C ILE A 67 12.94 9.95 23.85
N PRO A 68 13.27 8.67 24.07
CA PRO A 68 13.01 8.07 25.39
C PRO A 68 13.87 8.74 26.45
N ASN A 69 13.36 8.71 27.68
CA ASN A 69 14.08 9.21 28.84
C ASN A 69 14.38 10.71 28.72
N THR A 70 13.43 11.44 28.16
CA THR A 70 13.46 12.90 28.18
C THR A 70 12.13 13.42 28.70
N LEU A 71 12.18 14.60 29.32
CA LEU A 71 10.99 15.26 29.84
C LEU A 71 11.04 16.73 29.49
N SER A 72 10.04 17.21 28.76
CA SER A 72 9.91 18.64 28.52
C SER A 72 9.56 19.39 29.81
N GLU A 73 9.46 20.72 29.74
CA GLU A 73 9.14 21.47 30.95
C GLU A 73 7.75 21.09 31.46
N ASP A 74 6.87 20.62 30.58
CA ASP A 74 5.55 20.19 31.00
C ASP A 74 5.46 18.69 31.31
N GLY A 75 6.57 17.96 31.31
CA GLY A 75 6.50 16.55 31.69
C GLY A 75 6.29 15.55 30.57
N ASP A 76 6.31 15.96 29.34
CA ASP A 76 6.15 15.02 28.24
C ASP A 76 7.49 14.71 27.59
N PRO A 77 7.65 13.54 26.98
CA PRO A 77 8.90 13.30 26.26
C PRO A 77 9.02 14.27 25.10
N VAL A 78 10.26 14.49 24.70
CA VAL A 78 10.58 15.35 23.56
C VAL A 78 10.14 14.67 22.27
N ASP A 79 9.27 15.34 21.50
CA ASP A 79 8.82 14.85 20.21
C ASP A 79 9.80 15.19 19.10
N VAL A 80 9.98 14.28 18.14
CA VAL A 80 10.92 14.47 17.03
C VAL A 80 10.25 14.14 15.71
N LEU A 81 10.40 15.01 14.73
CA LEU A 81 10.03 14.71 13.35
C LEU A 81 11.27 14.18 12.65
N VAL A 82 11.21 12.97 12.13
CA VAL A 82 12.39 12.35 11.52
C VAL A 82 12.14 12.24 10.02
N ILE A 83 12.99 12.92 9.23
CA ILE A 83 12.93 12.87 7.78
C ILE A 83 13.66 11.63 7.31
N THR A 84 13.03 10.83 6.44
CA THR A 84 13.64 9.65 5.83
C THR A 84 13.21 9.55 4.38
N PRO A 85 13.95 8.79 3.56
CA PRO A 85 13.60 8.73 2.12
C PRO A 85 12.34 7.91 1.85
N VAL A 86 12.05 6.92 2.69
CA VAL A 86 10.81 6.14 2.60
C VAL A 86 10.25 6.01 4.01
N PRO A 87 8.96 5.69 4.15
CA PRO A 87 8.36 5.66 5.49
C PRO A 87 9.02 4.62 6.38
N LEU A 88 9.10 4.94 7.68
CA LEU A 88 9.41 3.97 8.71
C LEU A 88 8.11 3.32 9.23
N ILE A 89 8.24 2.34 10.12
CA ILE A 89 7.07 1.72 10.75
C ILE A 89 7.00 2.16 12.20
N SER A 90 5.77 2.20 12.73
CA SER A 90 5.59 2.46 14.15
C SER A 90 6.35 1.43 14.98
N GLY A 91 7.03 1.91 16.02
CA GLY A 91 7.76 1.03 16.90
C GLY A 91 9.23 0.88 16.59
N ALA A 92 9.65 1.29 15.39
CA ALA A 92 11.07 1.24 15.04
C ALA A 92 11.86 2.32 15.78
N VAL A 93 13.15 2.06 16.00
CA VAL A 93 14.07 3.02 16.62
C VAL A 93 15.05 3.52 15.56
N ILE A 94 15.28 4.83 15.50
CA ILE A 94 16.22 5.36 14.53
C ILE A 94 17.15 6.38 15.19
N SER A 95 18.45 6.24 14.93
CA SER A 95 19.44 7.20 15.40
C SER A 95 19.46 8.40 14.46
N CYS A 96 19.31 9.61 15.01
CA CYS A 96 19.26 10.78 14.14
C CYS A 96 19.91 11.97 14.82
N ARG A 97 19.99 13.08 14.08
CA ARG A 97 20.59 14.30 14.62
C ARG A 97 19.72 15.51 14.27
N ALA A 98 19.59 16.41 15.24
CA ALA A 98 18.68 17.53 15.09
C ALA A 98 19.28 18.57 14.16
N VAL A 99 18.44 19.13 13.30
CA VAL A 99 18.82 20.28 12.51
C VAL A 99 18.07 21.52 12.91
N GLY A 100 17.06 21.39 13.76
CA GLY A 100 16.31 22.54 14.23
C GLY A 100 15.11 22.07 15.03
N MET A 101 14.25 23.03 15.34
CA MET A 101 13.13 22.75 16.22
C MET A 101 12.04 23.77 15.90
N LEU A 102 10.82 23.27 15.74
CA LEU A 102 9.66 24.12 15.54
C LEU A 102 9.01 24.31 16.91
N LYS A 103 9.09 25.53 17.44
CA LYS A 103 8.51 25.83 18.74
C LYS A 103 7.03 26.06 18.57
N MET A 104 6.22 25.46 19.45
CA MET A 104 4.77 25.62 19.40
C MET A 104 4.21 25.50 20.80
N THR A 105 2.96 25.95 20.96
CA THR A 105 2.18 25.67 22.16
C THR A 105 0.82 25.11 21.74
N ASP A 106 0.26 24.27 22.62
CA ASP A 106 -1.09 23.78 22.36
C ASP A 106 -1.96 24.04 23.58
N GLU A 107 -3.15 23.44 23.63
CA GLU A 107 -4.07 23.72 24.72
C GLU A 107 -3.52 23.31 26.09
N SER A 108 -2.51 22.43 26.15
CA SER A 108 -1.92 21.97 27.40
C SER A 108 -0.60 22.64 27.77
N GLY A 109 -0.05 23.52 26.93
CA GLY A 109 1.27 24.08 27.19
C GLY A 109 2.24 23.94 26.03
N VAL A 110 3.53 23.67 26.31
CA VAL A 110 4.52 23.67 25.24
C VAL A 110 4.42 22.40 24.41
N ASP A 111 4.73 22.57 23.12
CA ASP A 111 4.52 21.49 22.19
C ASP A 111 5.55 21.58 21.07
N ALA A 112 6.80 21.91 21.42
CA ALA A 112 7.87 21.99 20.43
C ALA A 112 8.13 20.64 19.77
N LYS A 113 8.56 20.68 18.50
CA LYS A 113 8.88 19.48 17.74
C LYS A 113 10.28 19.62 17.17
N ILE A 114 11.17 18.71 17.53
CA ILE A 114 12.52 18.74 16.94
C ILE A 114 12.43 18.20 15.53
N LEU A 115 13.20 18.77 14.60
CA LEU A 115 13.32 18.22 13.25
C LEU A 115 14.68 17.56 13.12
N ALA A 116 14.70 16.29 12.70
CA ALA A 116 15.94 15.54 12.68
C ALA A 116 16.09 14.75 11.38
N VAL A 117 17.33 14.45 11.03
CA VAL A 117 17.67 13.62 9.86
C VAL A 117 18.45 12.42 10.36
N PRO A 118 18.46 11.31 9.60
CA PRO A 118 19.25 10.15 10.03
C PRO A 118 20.71 10.53 10.13
N THR A 119 21.41 9.88 11.06
CA THR A 119 22.85 10.09 11.14
C THR A 119 23.53 9.56 9.89
N THR A 120 24.77 10.00 9.71
CA THR A 120 25.53 9.63 8.51
C THR A 120 25.79 8.13 8.45
N LYS A 121 25.87 7.45 9.59
CA LYS A 121 26.00 5.99 9.56
C LYS A 121 24.79 5.35 8.88
N LEU A 122 23.60 5.89 9.11
CA LEU A 122 22.40 5.32 8.49
C LEU A 122 22.25 5.72 7.02
N SER A 123 22.63 6.95 6.66
CA SER A 123 22.52 7.42 5.29
C SER A 123 23.43 8.62 5.07
N LYS A 124 24.25 8.56 4.01
CA LYS A 124 25.08 9.72 3.69
C LYS A 124 24.31 10.85 3.03
N MET A 125 23.07 10.63 2.60
CA MET A 125 22.39 11.63 1.79
C MET A 125 22.02 12.90 2.56
N TYR A 126 22.02 12.87 3.89
CA TYR A 126 21.66 14.03 4.70
C TYR A 126 22.86 14.79 5.25
N GLN A 127 24.07 14.47 4.78
CA GLN A 127 25.28 15.05 5.36
C GLN A 127 25.29 16.57 5.26
N SER A 128 24.77 17.11 4.15
CA SER A 128 24.79 18.55 3.93
C SER A 128 23.64 19.28 4.64
N MET A 129 22.76 18.56 5.33
CA MET A 129 21.68 19.15 6.10
C MET A 129 22.20 19.42 7.50
N GLN A 130 22.57 20.67 7.77
CA GLN A 130 23.07 21.07 9.08
C GLN A 130 22.10 21.91 9.89
N THR A 131 21.27 22.72 9.23
CA THR A 131 20.31 23.55 9.94
C THR A 131 18.95 23.40 9.26
N TYR A 132 17.87 23.78 9.97
CA TYR A 132 16.55 23.56 9.39
C TYR A 132 16.40 24.30 8.07
N GLN A 133 17.08 25.44 7.92
CA GLN A 133 17.03 26.17 6.66
C GLN A 133 17.67 25.42 5.50
N ASP A 134 18.47 24.38 5.76
CA ASP A 134 18.96 23.54 4.66
C ASP A 134 17.87 22.64 4.11
N ILE A 135 16.86 22.34 4.92
CA ILE A 135 15.77 21.45 4.50
C ILE A 135 14.95 22.16 3.43
N PRO A 136 14.49 21.46 2.39
CA PRO A 136 13.66 22.12 1.36
C PRO A 136 12.51 22.92 1.97
N GLN A 137 12.33 24.15 1.46
CA GLN A 137 11.35 25.06 2.05
C GLN A 137 9.95 24.47 2.00
N HIS A 138 9.62 23.76 0.93
CA HIS A 138 8.27 23.20 0.82
C HIS A 138 7.98 22.25 1.97
N LEU A 139 8.98 21.50 2.43
CA LEU A 139 8.75 20.58 3.54
C LEU A 139 8.61 21.35 4.86
N LEU A 140 9.47 22.36 5.08
CA LEU A 140 9.32 23.19 6.27
C LEU A 140 7.91 23.78 6.34
N LEU A 141 7.43 24.32 5.23
CA LEU A 141 6.10 24.94 5.20
C LEU A 141 4.99 23.91 5.35
N SER A 142 5.14 22.74 4.71
CA SER A 142 4.15 21.67 4.86
CA SER A 142 4.12 21.72 4.88
C SER A 142 4.08 21.19 6.32
N ILE A 143 5.22 21.12 6.98
CA ILE A 143 5.27 20.72 8.39
C ILE A 143 4.57 21.74 9.26
N GLU A 144 4.93 23.02 9.12
CA GLU A 144 4.29 24.07 9.90
C GLU A 144 2.78 24.12 9.64
N HIS A 145 2.39 24.05 8.36
CA HIS A 145 0.98 24.08 8.04
C HIS A 145 0.26 22.89 8.65
N PHE A 146 0.91 21.72 8.65
CA PHE A 146 0.26 20.53 9.21
C PHE A 146 -0.06 20.72 10.69
N PHE A 147 0.92 21.15 11.48
CA PHE A 147 0.64 21.30 12.89
C PHE A 147 -0.27 22.49 13.17
N LYS A 148 -0.30 23.49 12.29
CA LYS A 148 -1.20 24.61 12.47
C LYS A 148 -2.66 24.19 12.35
N HIS A 149 -2.92 23.15 11.55
CA HIS A 149 -4.30 22.85 11.14
C HIS A 149 -4.80 21.47 11.49
N TYR A 150 -3.92 20.54 11.87
CA TYR A 150 -4.45 19.18 12.03
C TYR A 150 -5.44 19.06 13.18
N LYS A 151 -5.52 20.03 14.10
CA LYS A 151 -6.51 19.94 15.17
C LYS A 151 -7.65 20.92 14.98
N ASP A 152 -7.82 21.43 13.76
CA ASP A 152 -8.87 22.41 13.51
C ASP A 152 -10.25 21.86 13.84
N LEU A 153 -10.45 20.55 13.72
CA LEU A 153 -11.76 19.98 14.01
C LEU A 153 -11.83 19.25 15.34
N GLU A 154 -10.81 19.40 16.21
CA GLU A 154 -10.85 18.84 17.55
C GLU A 154 -11.28 19.94 18.50
N GLU A 155 -12.47 19.78 19.06
CA GLU A 155 -13.04 20.85 19.89
C GLU A 155 -12.20 21.05 21.15
N GLY A 156 -11.84 22.31 21.40
CA GLY A 156 -11.03 22.61 22.56
C GLY A 156 -9.56 22.30 22.41
N LYS A 157 -9.09 22.00 21.21
CA LYS A 157 -7.68 21.74 20.98
C LYS A 157 -7.18 22.72 19.94
N TRP A 158 -5.94 23.16 20.08
CA TRP A 158 -5.39 24.14 19.14
C TRP A 158 -3.87 24.12 19.21
N VAL A 159 -3.27 24.83 18.27
CA VAL A 159 -1.83 24.96 18.17
C VAL A 159 -1.51 26.42 17.88
N LYS A 160 -0.53 26.97 18.59
CA LYS A 160 0.05 28.26 18.24
C LYS A 160 1.49 27.99 17.88
N VAL A 161 1.86 28.36 16.65
CA VAL A 161 3.21 28.17 16.16
C VAL A 161 4.03 29.39 16.54
N GLU A 162 5.19 29.17 17.16
CA GLU A 162 6.01 30.25 17.69
C GLU A 162 7.29 30.49 16.91
N GLY A 163 7.70 29.56 16.06
CA GLY A 163 8.79 29.77 15.11
C GLY A 163 9.84 28.69 15.21
N TRP A 164 10.72 28.70 14.21
CA TRP A 164 11.79 27.72 14.07
C TRP A 164 13.04 28.24 14.74
N VAL A 165 13.81 27.33 15.33
CA VAL A 165 15.13 27.64 15.82
C VAL A 165 16.11 26.60 15.29
N GLY A 166 17.39 26.91 15.42
CA GLY A 166 18.44 26.16 14.77
C GLY A 166 18.88 24.95 15.57
N PRO A 167 19.91 24.27 15.07
CA PRO A 167 20.36 23.03 15.73
C PRO A 167 20.89 23.23 17.15
N ASP A 168 21.55 24.35 17.44
CA ASP A 168 22.03 24.57 18.80
C ASP A 168 20.86 24.69 19.79
N ALA A 169 19.83 25.45 19.43
CA ALA A 169 18.66 25.53 20.30
C ALA A 169 18.00 24.17 20.46
N ALA A 170 17.89 23.39 19.36
CA ALA A 170 17.34 22.05 19.49
C ALA A 170 18.17 21.19 20.44
N ARG A 171 19.50 21.22 20.31
CA ARG A 171 20.33 20.41 21.21
C ARG A 171 20.21 20.88 22.67
N GLU A 172 20.08 22.18 22.90
CA GLU A 172 19.83 22.67 24.25
C GLU A 172 18.54 22.11 24.84
N GLU A 173 17.48 22.02 24.02
CA GLU A 173 16.23 21.46 24.51
C GLU A 173 16.39 19.98 24.86
N ILE A 174 17.11 19.23 24.01
CA ILE A 174 17.40 17.82 24.31
C ILE A 174 18.15 17.69 25.64
N THR A 175 19.22 18.47 25.81
CA THR A 175 20.00 18.37 27.03
C THR A 175 19.16 18.74 28.25
N SER A 176 18.44 19.87 28.16
CA SER A 176 17.57 20.28 29.27
C SER A 176 16.56 19.19 29.60
N SER A 177 16.04 18.52 28.56
CA SER A 177 15.03 17.51 28.77
C SER A 177 15.61 16.22 29.33
N ILE A 178 16.84 15.90 28.97
CA ILE A 178 17.49 14.76 29.61
C ILE A 178 17.71 15.04 31.09
N ASN A 179 18.12 16.27 31.42
CA ASN A 179 18.33 16.65 32.81
C ASN A 179 17.03 16.57 33.61
N ARG A 180 15.91 17.03 33.04
CA ARG A 180 14.65 16.93 33.76
C ARG A 180 14.31 15.48 34.05
N TYR A 181 14.57 14.58 33.09
CA TYR A 181 14.26 13.17 33.33
C TYR A 181 15.14 12.59 34.41
N ASN A 182 16.42 12.94 34.41
CA ASN A 182 17.31 12.40 35.44
C ASN A 182 16.90 12.91 36.81
N HIS A 183 16.50 14.17 36.89
CA HIS A 183 16.12 14.73 38.17
C HIS A 183 14.92 14.01 38.78
N THR A 184 14.06 13.39 37.96
CA THR A 184 12.94 12.64 38.53
C THR A 184 13.36 11.30 39.12
N LYS A 185 14.55 10.81 38.75
CA LYS A 185 15.15 9.66 39.41
C LYS A 185 16.11 10.04 40.52
N LYS A 186 16.67 11.24 40.46
CA LYS A 186 17.54 11.75 41.51
C LYS A 186 16.72 12.11 42.74
N GLU B 13 -15.91 9.93 -24.97
CA GLU B 13 -17.02 9.28 -25.65
C GLU B 13 -18.15 8.95 -24.68
N ILE B 14 -17.93 9.27 -23.41
CA ILE B 14 -18.87 8.94 -22.34
C ILE B 14 -19.93 10.02 -22.25
N GLN B 15 -21.20 9.61 -22.18
CA GLN B 15 -22.29 10.56 -22.07
C GLN B 15 -22.35 11.12 -20.64
N SER B 16 -23.23 12.11 -20.45
CA SER B 16 -23.30 12.83 -19.19
C SER B 16 -23.98 12.02 -18.08
N GLY B 17 -24.86 11.09 -18.44
CA GLY B 17 -25.51 10.28 -17.43
C GLY B 17 -26.70 9.48 -17.94
N ARG B 18 -27.10 8.48 -17.16
CA ARG B 18 -28.25 7.66 -17.55
C ARG B 18 -29.53 8.46 -17.47
N ASP B 19 -29.72 9.22 -16.36
CA ASP B 19 -30.95 9.92 -16.06
C ASP B 19 -30.60 11.30 -15.48
N VAL B 20 -30.06 12.18 -16.31
CA VAL B 20 -29.63 13.49 -15.83
C VAL B 20 -30.86 14.31 -15.45
N PRO B 21 -30.79 15.17 -14.42
CA PRO B 21 -29.62 15.38 -13.55
C PRO B 21 -29.69 14.55 -12.29
N ASN B 22 -30.60 13.58 -12.24
CA ASN B 22 -30.76 12.79 -11.03
C ASN B 22 -29.65 11.77 -10.88
N GLU B 23 -29.18 11.21 -11.99
CA GLU B 23 -28.04 10.30 -12.00
C GLU B 23 -27.07 10.77 -13.05
N VAL B 24 -25.80 10.93 -12.67
CA VAL B 24 -24.79 11.44 -13.58
C VAL B 24 -23.57 10.52 -13.55
N ASN B 25 -22.85 10.50 -14.66
CA ASN B 25 -21.56 9.82 -14.74
C ASN B 25 -20.45 10.78 -14.35
N VAL B 26 -19.52 10.30 -13.52
CA VAL B 26 -18.39 11.11 -13.09
C VAL B 26 -17.11 10.40 -13.46
N ILE B 27 -16.21 11.11 -14.14
CA ILE B 27 -14.89 10.63 -14.46
C ILE B 27 -13.96 11.01 -13.31
N ILE B 28 -13.31 10.03 -12.71
CA ILE B 28 -12.48 10.27 -11.55
C ILE B 28 -11.11 10.76 -12.01
N GLU B 29 -10.66 11.88 -11.43
CA GLU B 29 -9.29 12.36 -11.63
C GLU B 29 -8.36 12.03 -10.47
N ILE B 30 -8.86 12.11 -9.23
CA ILE B 30 -8.05 11.92 -8.05
C ILE B 30 -8.78 10.99 -7.09
N PRO B 31 -8.19 9.87 -6.70
CA PRO B 31 -8.86 8.95 -5.77
C PRO B 31 -8.89 9.49 -4.36
N MET B 32 -9.85 9.00 -3.58
CA MET B 32 -9.86 9.31 -2.16
C MET B 32 -8.58 8.79 -1.52
N HIS B 33 -8.05 9.52 -0.55
CA HIS B 33 -6.90 9.06 0.24
C HIS B 33 -5.70 8.71 -0.65
N GLY B 34 -5.50 9.47 -1.71
CA GLY B 34 -4.50 9.17 -2.71
C GLY B 34 -3.23 9.97 -2.51
N GLU B 35 -2.32 9.81 -3.48
CA GLU B 35 -1.06 10.54 -3.46
C GLU B 35 -1.30 12.03 -3.62
N PRO B 36 -0.43 12.87 -3.04
CA PRO B 36 -0.58 14.32 -3.24
C PRO B 36 -0.18 14.79 -4.63
N VAL B 37 -0.81 14.22 -5.67
CA VAL B 37 -0.60 14.60 -7.07
C VAL B 37 -1.93 15.12 -7.59
N LYS B 38 -1.94 16.34 -8.12
CA LYS B 38 -3.19 16.95 -8.58
C LYS B 38 -3.32 16.63 -10.06
N TYR B 39 -3.89 15.47 -10.35
CA TYR B 39 -4.18 15.04 -11.72
C TYR B 39 -5.39 15.76 -12.29
N GLU B 40 -5.37 15.99 -13.60
CA GLU B 40 -6.50 16.59 -14.29
C GLU B 40 -6.58 16.03 -15.70
N VAL B 41 -7.79 15.73 -16.15
CA VAL B 41 -7.99 15.32 -17.54
C VAL B 41 -7.88 16.55 -18.44
N ASP B 42 -7.04 16.47 -19.46
CA ASP B 42 -7.00 17.48 -20.51
C ASP B 42 -8.26 17.34 -21.33
N LYS B 43 -9.16 18.33 -21.25
CA LYS B 43 -10.43 18.21 -21.94
C LYS B 43 -10.23 18.10 -23.45
N LYS B 44 -9.14 18.67 -23.98
CA LYS B 44 -8.87 18.60 -25.41
C LYS B 44 -8.46 17.20 -25.83
N THR B 45 -7.46 16.61 -25.16
CA THR B 45 -6.88 15.34 -25.58
C THR B 45 -7.42 14.12 -24.84
N GLY B 46 -8.08 14.33 -23.70
CA GLY B 46 -8.56 13.22 -22.90
C GLY B 46 -7.49 12.53 -22.08
N ALA B 47 -6.27 13.06 -22.08
CA ALA B 47 -5.15 12.49 -21.33
C ALA B 47 -5.09 13.02 -19.92
N LEU B 48 -4.67 12.17 -19.00
CA LEU B 48 -4.52 12.53 -17.60
C LEU B 48 -3.14 13.17 -17.42
N PHE B 49 -3.11 14.48 -17.19
CA PHE B 49 -1.85 15.14 -16.96
CA PHE B 49 -1.91 15.26 -16.97
C PHE B 49 -1.71 15.49 -15.48
N VAL B 50 -0.46 15.68 -15.08
CA VAL B 50 -0.14 16.16 -13.75
C VAL B 50 -0.30 17.67 -13.80
N ASP B 51 -1.28 18.21 -13.10
CA ASP B 51 -1.38 19.66 -13.07
C ASP B 51 -0.32 20.25 -12.16
N ARG B 52 -0.17 19.69 -10.96
CA ARG B 52 0.84 20.12 -10.00
C ARG B 52 0.88 19.10 -8.88
N PHE B 53 1.89 19.24 -8.02
CA PHE B 53 1.99 18.45 -6.81
C PHE B 53 1.45 19.28 -5.67
N MET B 54 0.73 18.62 -4.78
CA MET B 54 0.14 19.36 -3.68
C MET B 54 1.22 19.82 -2.72
N THR B 55 1.01 21.00 -2.15
CA THR B 55 2.01 21.63 -1.30
C THR B 55 1.61 21.64 0.17
N THR B 56 0.44 21.12 0.51
CA THR B 56 0.05 20.80 1.88
C THR B 56 -0.04 19.29 2.05
N ALA B 57 0.10 18.84 3.30
CA ALA B 57 0.09 17.41 3.61
C ALA B 57 -1.35 16.95 3.86
N MET B 58 -2.14 17.03 2.80
CA MET B 58 -3.57 16.72 2.86
C MET B 58 -3.91 15.73 1.76
N PHE B 59 -5.02 15.03 1.94
CA PHE B 59 -5.50 14.07 0.94
C PHE B 59 -7.00 14.29 0.73
N TYR B 60 -7.50 13.95 -0.46
CA TYR B 60 -8.92 14.16 -0.72
C TYR B 60 -9.71 13.19 0.12
N PRO B 61 -10.65 13.66 0.95
CA PRO B 61 -11.43 12.74 1.79
C PRO B 61 -12.49 11.97 1.02
N THR B 62 -12.76 12.33 -0.24
CA THR B 62 -13.57 11.57 -1.18
C THR B 62 -12.77 11.44 -2.46
N ASN B 63 -13.29 10.66 -3.41
CA ASN B 63 -12.79 10.69 -4.77
C ASN B 63 -13.20 12.02 -5.40
N TYR B 64 -12.45 12.43 -6.43
CA TYR B 64 -12.64 13.75 -7.03
C TYR B 64 -12.62 13.63 -8.55
N GLY B 65 -13.61 14.21 -9.20
CA GLY B 65 -13.68 14.15 -10.64
C GLY B 65 -14.66 15.17 -11.19
N TYR B 66 -15.18 14.88 -12.38
CA TYR B 66 -16.06 15.82 -13.08
C TYR B 66 -17.09 15.07 -13.90
N ILE B 67 -18.17 15.76 -14.22
CA ILE B 67 -19.23 15.22 -15.08
C ILE B 67 -18.89 15.57 -16.52
N PRO B 68 -18.72 14.60 -17.40
CA PRO B 68 -18.41 14.93 -18.80
C PRO B 68 -19.58 15.63 -19.47
N ASN B 69 -19.23 16.46 -20.46
CA ASN B 69 -20.20 17.20 -21.27
C ASN B 69 -21.00 18.19 -20.42
N THR B 70 -20.32 18.83 -19.47
CA THR B 70 -20.87 19.94 -18.70
C THR B 70 -19.92 21.11 -18.77
N LEU B 71 -20.48 22.32 -18.66
CA LEU B 71 -19.71 23.55 -18.68
C LEU B 71 -20.27 24.47 -17.58
N SER B 72 -19.46 24.72 -16.55
CA SER B 72 -19.83 25.66 -15.51
C SER B 72 -19.47 27.08 -15.95
N GLU B 73 -19.70 28.05 -15.07
CA GLU B 73 -19.46 29.45 -15.42
C GLU B 73 -17.99 29.73 -15.69
N ASP B 74 -17.08 28.99 -15.06
CA ASP B 74 -15.64 29.26 -15.21
C ASP B 74 -15.04 28.62 -16.45
N GLY B 75 -15.85 27.96 -17.27
CA GLY B 75 -15.36 27.32 -18.48
C GLY B 75 -14.89 25.90 -18.27
N ASP B 76 -14.86 25.41 -17.03
CA ASP B 76 -14.51 24.04 -16.70
C ASP B 76 -15.76 23.21 -16.41
N PRO B 77 -15.67 21.90 -16.56
CA PRO B 77 -16.82 21.04 -16.22
C PRO B 77 -17.18 21.11 -14.75
N VAL B 78 -18.37 20.59 -14.44
CA VAL B 78 -18.84 20.53 -13.07
C VAL B 78 -17.99 19.52 -12.29
N ASP B 79 -17.39 19.98 -11.19
CA ASP B 79 -16.60 19.13 -10.31
C ASP B 79 -17.51 18.37 -9.36
N VAL B 80 -17.17 17.11 -9.08
CA VAL B 80 -17.96 16.28 -8.19
C VAL B 80 -17.04 15.53 -7.23
N LEU B 81 -17.40 15.56 -5.95
CA LEU B 81 -16.82 14.71 -4.92
C LEU B 81 -17.70 13.48 -4.80
N VAL B 82 -17.11 12.29 -4.99
CA VAL B 82 -17.88 11.03 -4.95
C VAL B 82 -17.43 10.20 -3.76
N ILE B 83 -18.36 9.96 -2.84
CA ILE B 83 -18.11 9.11 -1.67
C ILE B 83 -18.25 7.66 -2.09
N THR B 84 -17.27 6.83 -1.74
CA THR B 84 -17.33 5.40 -1.99
C THR B 84 -16.80 4.68 -0.76
N PRO B 85 -17.12 3.39 -0.61
CA PRO B 85 -16.63 2.66 0.57
C PRO B 85 -15.14 2.40 0.52
N VAL B 86 -14.59 2.24 -0.68
CA VAL B 86 -13.15 2.10 -0.90
C VAL B 86 -12.75 2.97 -2.06
N PRO B 87 -11.48 3.34 -2.14
CA PRO B 87 -11.04 4.27 -3.19
C PRO B 87 -11.27 3.72 -4.59
N LEU B 88 -11.57 4.64 -5.50
CA LEU B 88 -11.57 4.36 -6.93
C LEU B 88 -10.17 4.65 -7.48
N ILE B 89 -9.98 4.43 -8.77
CA ILE B 89 -8.74 4.78 -9.44
C ILE B 89 -9.00 5.92 -10.40
N SER B 90 -7.95 6.71 -10.66
CA SER B 90 -8.02 7.74 -11.68
C SER B 90 -8.41 7.09 -13.01
N GLY B 91 -9.33 7.72 -13.72
CA GLY B 91 -9.79 7.23 -14.99
C GLY B 91 -11.06 6.39 -14.94
N ALA B 92 -11.46 5.93 -13.76
CA ALA B 92 -12.71 5.19 -13.65
C ALA B 92 -13.92 6.14 -13.79
N VAL B 93 -15.05 5.57 -14.23
CA VAL B 93 -16.31 6.29 -14.36
C VAL B 93 -17.29 5.68 -13.36
N ILE B 94 -18.01 6.53 -12.62
CA ILE B 94 -18.95 6.04 -11.62
C ILE B 94 -20.28 6.76 -11.77
N SER B 95 -21.35 5.98 -11.77
CA SER B 95 -22.68 6.54 -11.80
C SER B 95 -23.06 6.95 -10.38
N CYS B 96 -23.46 8.21 -10.20
CA CYS B 96 -23.75 8.69 -8.86
C CYS B 96 -24.88 9.71 -8.92
N ARG B 97 -25.30 10.15 -7.74
CA ARG B 97 -26.37 11.13 -7.61
C ARG B 97 -25.99 12.14 -6.54
N ALA B 98 -26.32 13.41 -6.79
CA ALA B 98 -25.94 14.50 -5.90
C ALA B 98 -26.81 14.54 -4.66
N VAL B 99 -26.18 14.80 -3.52
CA VAL B 99 -26.90 15.06 -2.29
C VAL B 99 -26.73 16.47 -1.78
N GLY B 100 -25.86 17.26 -2.39
CA GLY B 100 -25.64 18.63 -1.98
C GLY B 100 -24.48 19.22 -2.74
N MET B 101 -24.07 20.43 -2.34
CA MET B 101 -23.04 21.15 -3.07
C MET B 101 -22.35 22.12 -2.12
N LEU B 102 -21.03 22.12 -2.16
CA LEU B 102 -20.24 23.04 -1.34
C LEU B 102 -19.91 24.27 -2.18
N LYS B 103 -20.40 25.43 -1.75
CA LYS B 103 -20.17 26.68 -2.46
CA LYS B 103 -20.18 26.68 -2.47
C LYS B 103 -19.00 27.44 -1.85
N MET B 104 -18.14 27.96 -2.70
CA MET B 104 -16.95 28.66 -2.27
C MET B 104 -16.67 29.80 -3.24
N THR B 105 -15.84 30.73 -2.79
CA THR B 105 -15.28 31.76 -3.67
C THR B 105 -13.78 31.72 -3.49
N ASP B 106 -13.04 31.95 -4.59
CA ASP B 106 -11.59 31.99 -4.52
C ASP B 106 -11.10 33.17 -5.35
N GLU B 107 -9.79 33.21 -5.58
CA GLU B 107 -9.18 34.30 -6.32
C GLU B 107 -9.69 34.36 -7.75
N SER B 108 -10.21 33.25 -8.27
CA SER B 108 -10.68 33.17 -9.65
C SER B 108 -12.19 33.40 -9.79
N GLY B 109 -12.92 33.56 -8.68
CA GLY B 109 -14.36 33.71 -8.73
C GLY B 109 -15.06 32.64 -7.91
N VAL B 110 -16.16 32.12 -8.42
CA VAL B 110 -16.95 31.10 -7.74
C VAL B 110 -16.34 29.71 -7.99
N ASP B 111 -16.52 28.81 -7.02
CA ASP B 111 -15.99 27.43 -7.04
C ASP B 111 -16.94 26.53 -6.25
N ALA B 112 -17.99 26.06 -6.91
CA ALA B 112 -18.88 25.05 -6.33
C ALA B 112 -18.39 23.63 -6.62
N LYS B 113 -18.52 22.74 -5.64
CA LYS B 113 -18.23 21.31 -5.84
C LYS B 113 -19.40 20.50 -5.31
N ILE B 114 -19.99 19.71 -6.18
CA ILE B 114 -21.13 18.86 -5.84
C ILE B 114 -20.66 17.66 -5.04
N LEU B 115 -21.45 17.24 -4.07
CA LEU B 115 -21.20 16.02 -3.31
C LEU B 115 -22.17 14.94 -3.76
N ALA B 116 -21.65 13.74 -4.07
CA ALA B 116 -22.50 12.68 -4.62
C ALA B 116 -22.18 11.35 -3.97
N VAL B 117 -23.15 10.44 -4.02
CA VAL B 117 -23.00 9.08 -3.53
C VAL B 117 -23.29 8.14 -4.70
N PRO B 118 -22.77 6.91 -4.67
CA PRO B 118 -23.09 5.96 -5.75
C PRO B 118 -24.59 5.74 -5.81
N THR B 119 -25.10 5.48 -7.00
CA THR B 119 -26.49 5.10 -7.15
C THR B 119 -26.76 3.75 -6.50
N THR B 120 -28.04 3.48 -6.28
CA THR B 120 -28.44 2.27 -5.57
C THR B 120 -28.03 0.99 -6.31
N LYS B 121 -27.98 1.02 -7.65
CA LYS B 121 -27.49 -0.15 -8.39
C LYS B 121 -26.06 -0.49 -7.99
N LEU B 122 -25.22 0.53 -7.77
CA LEU B 122 -23.82 0.28 -7.43
C LEU B 122 -23.65 -0.12 -5.97
N SER B 123 -24.49 0.45 -5.09
CA SER B 123 -24.38 0.16 -3.67
C SER B 123 -25.67 0.57 -2.99
N LYS B 124 -26.27 -0.36 -2.24
CA LYS B 124 -27.47 -0.04 -1.49
C LYS B 124 -27.17 0.72 -0.21
N MET B 125 -25.90 0.78 0.23
CA MET B 125 -25.60 1.36 1.53
C MET B 125 -25.82 2.87 1.59
N TYR B 126 -25.94 3.55 0.45
CA TYR B 126 -26.16 4.99 0.45
C TYR B 126 -27.61 5.35 0.16
N GLN B 127 -28.53 4.37 0.16
CA GLN B 127 -29.90 4.63 -0.25
C GLN B 127 -30.56 5.70 0.62
N SER B 128 -30.24 5.72 1.91
CA SER B 128 -30.83 6.66 2.85
C SER B 128 -30.15 8.02 2.83
N MET B 129 -29.12 8.18 2.01
CA MET B 129 -28.41 9.45 1.86
C MET B 129 -29.13 10.26 0.80
N GLN B 130 -30.00 11.17 1.24
CA GLN B 130 -30.74 12.01 0.29
C GLN B 130 -30.20 13.42 0.21
N THR B 131 -29.70 13.96 1.31
CA THR B 131 -29.15 15.31 1.35
C THR B 131 -27.83 15.29 2.11
N TYR B 132 -27.07 16.38 1.96
CA TYR B 132 -25.77 16.45 2.62
C TYR B 132 -25.91 16.31 4.14
N GLN B 133 -27.04 16.75 4.71
CA GLN B 133 -27.23 16.57 6.15
C GLN B 133 -27.33 15.10 6.53
N ASP B 134 -27.66 14.23 5.56
CA ASP B 134 -27.65 12.81 5.83
C ASP B 134 -26.24 12.26 5.93
N ILE B 135 -25.26 12.95 5.34
CA ILE B 135 -23.86 12.47 5.37
C ILE B 135 -23.31 12.57 6.79
N PRO B 136 -22.54 11.60 7.27
CA PRO B 136 -21.92 11.73 8.59
C PRO B 136 -21.20 13.06 8.75
N GLN B 137 -21.43 13.69 9.91
CA GLN B 137 -20.96 15.04 10.16
C GLN B 137 -19.44 15.14 10.06
N HIS B 138 -18.73 14.15 10.56
CA HIS B 138 -17.27 14.22 10.52
C HIS B 138 -16.75 14.27 9.08
N LEU B 139 -17.43 13.59 8.14
CA LEU B 139 -16.97 13.62 6.76
C LEU B 139 -17.28 14.97 6.11
N LEU B 140 -18.49 15.50 6.35
CA LEU B 140 -18.82 16.84 5.87
C LEU B 140 -17.81 17.88 6.33
N LEU B 141 -17.41 17.83 7.60
CA LEU B 141 -16.47 18.82 8.13
C LEU B 141 -15.08 18.65 7.51
N SER B 142 -14.64 17.41 7.32
CA SER B 142 -13.31 17.18 6.75
CA SER B 142 -13.32 17.16 6.75
C SER B 142 -13.27 17.57 5.28
N ILE B 143 -14.36 17.36 4.55
CA ILE B 143 -14.44 17.84 3.17
C ILE B 143 -14.33 19.36 3.14
N GLU B 144 -15.13 20.03 3.98
CA GLU B 144 -15.10 21.48 4.06
C GLU B 144 -13.71 21.97 4.42
N HIS B 145 -13.10 21.34 5.43
CA HIS B 145 -11.78 21.76 5.86
C HIS B 145 -10.74 21.53 4.77
N PHE B 146 -10.85 20.44 4.03
CA PHE B 146 -9.86 20.17 2.98
C PHE B 146 -9.87 21.26 1.92
N PHE B 147 -11.06 21.61 1.38
CA PHE B 147 -11.08 22.59 0.31
C PHE B 147 -10.76 23.99 0.81
N LYS B 148 -11.02 24.27 2.09
CA LYS B 148 -10.63 25.55 2.67
C LYS B 148 -9.11 25.70 2.73
N HIS B 149 -8.37 24.59 2.87
CA HIS B 149 -6.96 24.68 3.26
C HIS B 149 -5.94 24.03 2.33
N TYR B 150 -6.35 23.16 1.39
CA TYR B 150 -5.34 22.39 0.65
C TYR B 150 -4.51 23.26 -0.29
N LYS B 151 -5.01 24.44 -0.64
CA LYS B 151 -4.26 25.40 -1.45
C LYS B 151 -3.65 26.55 -0.61
N ASP B 152 -3.47 26.35 0.71
CA ASP B 152 -2.99 27.41 1.57
C ASP B 152 -1.58 27.86 1.22
N LEU B 153 -0.74 26.98 0.67
CA LEU B 153 0.62 27.32 0.33
C LEU B 153 0.82 27.59 -1.15
N GLU B 154 -0.27 27.78 -1.89
CA GLU B 154 -0.18 28.13 -3.30
C GLU B 154 -0.28 29.65 -3.43
N GLU B 155 0.77 30.26 -3.98
CA GLU B 155 0.90 31.71 -4.02
C GLU B 155 -0.23 32.36 -4.80
N GLY B 156 -0.77 33.45 -4.24
CA GLY B 156 -1.81 34.18 -4.92
C GLY B 156 -3.18 33.53 -4.87
N LYS B 157 -3.37 32.53 -4.02
CA LYS B 157 -4.65 31.85 -3.92
C LYS B 157 -5.25 31.97 -2.52
N TRP B 158 -6.57 31.94 -2.47
CA TRP B 158 -7.31 31.96 -1.21
C TRP B 158 -8.67 31.33 -1.48
N VAL B 159 -9.33 30.91 -0.41
CA VAL B 159 -10.65 30.29 -0.49
C VAL B 159 -11.53 30.84 0.63
N LYS B 160 -12.77 31.19 0.29
CA LYS B 160 -13.81 31.46 1.29
C LYS B 160 -14.93 30.45 1.08
N VAL B 161 -15.32 29.75 2.14
CA VAL B 161 -16.41 28.79 2.06
C VAL B 161 -17.71 29.54 2.32
N GLU B 162 -18.56 29.62 1.31
CA GLU B 162 -19.88 30.20 1.48
C GLU B 162 -20.81 29.23 2.20
N GLY B 163 -20.70 27.94 1.92
CA GLY B 163 -21.52 26.96 2.61
C GLY B 163 -22.13 25.88 1.73
N TRP B 164 -22.89 24.98 2.35
CA TRP B 164 -23.51 23.87 1.66
C TRP B 164 -24.92 24.25 1.21
N VAL B 165 -25.32 23.71 0.06
CA VAL B 165 -26.70 23.78 -0.41
C VAL B 165 -27.15 22.38 -0.80
N GLY B 166 -28.47 22.22 -0.94
CA GLY B 166 -29.06 20.91 -1.02
C GLY B 166 -29.06 20.30 -2.41
N PRO B 167 -29.63 19.10 -2.51
CA PRO B 167 -29.62 18.35 -3.78
C PRO B 167 -30.32 19.07 -4.92
N ASP B 168 -31.36 19.84 -4.64
CA ASP B 168 -32.06 20.58 -5.68
C ASP B 168 -31.15 21.62 -6.32
N ALA B 169 -30.43 22.39 -5.51
CA ALA B 169 -29.46 23.34 -6.04
C ALA B 169 -28.35 22.62 -6.79
N ALA B 170 -27.91 21.48 -6.28
CA ALA B 170 -26.89 20.70 -6.98
C ALA B 170 -27.37 20.30 -8.37
N ARG B 171 -28.58 19.75 -8.47
CA ARG B 171 -29.10 19.35 -9.78
C ARG B 171 -29.31 20.55 -10.69
N GLU B 172 -29.73 21.68 -10.12
CA GLU B 172 -29.86 22.90 -10.91
C GLU B 172 -28.51 23.28 -11.51
N GLU B 173 -27.45 23.17 -10.72
CA GLU B 173 -26.10 23.42 -11.21
C GLU B 173 -25.76 22.43 -12.32
N ILE B 174 -26.09 21.15 -12.12
CA ILE B 174 -25.87 20.15 -13.15
C ILE B 174 -26.68 20.49 -14.40
N THR B 175 -27.97 20.75 -14.23
CA THR B 175 -28.84 21.00 -15.38
C THR B 175 -28.38 22.21 -16.18
N SER B 176 -28.11 23.33 -15.50
CA SER B 176 -27.64 24.51 -16.21
C SER B 176 -26.34 24.25 -16.94
N SER B 177 -25.43 23.47 -16.34
CA SER B 177 -24.14 23.24 -16.98
C SER B 177 -24.25 22.27 -18.16
N ILE B 178 -25.19 21.33 -18.11
CA ILE B 178 -25.42 20.50 -19.29
C ILE B 178 -25.96 21.36 -20.44
N ASN B 179 -26.89 22.28 -20.12
CA ASN B 179 -27.42 23.18 -21.14
C ASN B 179 -26.31 24.06 -21.69
N ARG B 180 -25.53 24.66 -20.78
CA ARG B 180 -24.44 25.54 -21.19
C ARG B 180 -23.48 24.80 -22.12
N TYR B 181 -23.26 23.51 -21.85
CA TYR B 181 -22.39 22.72 -22.72
C TYR B 181 -23.01 22.48 -24.09
N ASN B 182 -24.32 22.18 -24.12
CA ASN B 182 -24.96 21.98 -25.42
C ASN B 182 -25.01 23.29 -26.19
N HIS B 183 -25.31 24.37 -25.49
CA HIS B 183 -25.38 25.72 -26.04
C HIS B 183 -24.01 26.16 -26.53
N ASP C 19 -2.26 -15.80 -31.99
CA ASP C 19 -2.24 -17.26 -32.09
C ASP C 19 -3.44 -17.86 -31.37
N VAL C 20 -4.60 -17.26 -31.61
CA VAL C 20 -5.87 -17.78 -31.09
C VAL C 20 -6.08 -19.19 -31.60
N PRO C 21 -6.68 -20.10 -30.81
CA PRO C 21 -7.14 -19.90 -29.44
C PRO C 21 -6.10 -20.32 -28.40
N ASN C 22 -4.87 -20.55 -28.85
CA ASN C 22 -3.82 -21.00 -27.95
C ASN C 22 -3.25 -19.85 -27.13
N GLU C 23 -3.14 -18.67 -27.73
CA GLU C 23 -2.68 -17.44 -27.07
C GLU C 23 -3.69 -16.34 -27.31
N VAL C 24 -4.14 -15.67 -26.24
CA VAL C 24 -5.12 -14.60 -26.37
C VAL C 24 -4.67 -13.39 -25.57
N ASN C 25 -5.10 -12.22 -26.02
CA ASN C 25 -4.91 -10.99 -25.28
C ASN C 25 -6.09 -10.80 -24.34
N VAL C 26 -5.81 -10.46 -23.09
CA VAL C 26 -6.85 -10.23 -22.10
C VAL C 26 -6.66 -8.82 -21.54
N ILE C 27 -7.73 -8.05 -21.56
CA ILE C 27 -7.76 -6.72 -20.95
C ILE C 27 -8.19 -6.88 -19.50
N ILE C 28 -7.36 -6.41 -18.58
CA ILE C 28 -7.58 -6.57 -17.16
C ILE C 28 -8.59 -5.54 -16.71
N GLU C 29 -9.62 -5.98 -16.00
CA GLU C 29 -10.60 -5.10 -15.37
C GLU C 29 -10.37 -4.94 -13.89
N ILE C 30 -9.99 -6.02 -13.21
CA ILE C 30 -9.86 -6.04 -11.76
C ILE C 30 -8.54 -6.69 -11.42
N PRO C 31 -7.66 -6.03 -10.66
CA PRO C 31 -6.38 -6.65 -10.29
C PRO C 31 -6.57 -7.74 -9.26
N MET C 32 -5.63 -8.69 -9.24
CA MET C 32 -5.63 -9.69 -8.18
C MET C 32 -5.47 -8.98 -6.84
N HIS C 33 -6.11 -9.52 -5.80
CA HIS C 33 -5.94 -8.99 -4.44
C HIS C 33 -6.27 -7.50 -4.34
N GLY C 34 -7.25 -7.06 -5.11
CA GLY C 34 -7.54 -5.65 -5.24
C GLY C 34 -8.66 -5.19 -4.33
N GLU C 35 -9.02 -3.93 -4.48
CA GLU C 35 -10.11 -3.36 -3.72
C GLU C 35 -11.43 -4.02 -4.09
N PRO C 36 -12.38 -4.09 -3.16
CA PRO C 36 -13.69 -4.69 -3.48
C PRO C 36 -14.53 -3.79 -4.39
N VAL C 37 -13.97 -3.46 -5.57
CA VAL C 37 -14.67 -2.66 -6.58
C VAL C 37 -14.77 -3.52 -7.82
N LYS C 38 -15.99 -3.74 -8.30
CA LYS C 38 -16.20 -4.59 -9.46
C LYS C 38 -16.24 -3.68 -10.68
N TYR C 39 -15.05 -3.37 -11.20
CA TYR C 39 -14.93 -2.58 -12.42
C TYR C 39 -15.26 -3.42 -13.65
N GLU C 40 -15.78 -2.76 -14.68
CA GLU C 40 -16.08 -3.39 -15.95
C GLU C 40 -15.84 -2.40 -17.07
N VAL C 41 -15.25 -2.87 -18.16
CA VAL C 41 -15.10 -2.02 -19.34
C VAL C 41 -16.44 -1.94 -20.06
N ASP C 42 -16.87 -0.72 -20.36
CA ASP C 42 -18.00 -0.51 -21.26
C ASP C 42 -17.56 -0.86 -22.68
N LYS C 43 -18.13 -1.94 -23.23
CA LYS C 43 -17.70 -2.41 -24.54
C LYS C 43 -17.97 -1.38 -25.63
N LYS C 44 -18.96 -0.52 -25.45
CA LYS C 44 -19.24 0.50 -26.46
C LYS C 44 -18.16 1.58 -26.45
N THR C 45 -17.85 2.14 -25.28
CA THR C 45 -16.93 3.27 -25.19
C THR C 45 -15.51 2.88 -24.80
N GLY C 46 -15.30 1.67 -24.28
CA GLY C 46 -13.97 1.29 -23.84
C GLY C 46 -13.57 1.84 -22.49
N ALA C 47 -14.49 2.50 -21.79
CA ALA C 47 -14.22 3.10 -20.49
C ALA C 47 -14.42 2.09 -19.37
N LEU C 48 -13.64 2.27 -18.30
CA LEU C 48 -13.74 1.43 -17.12
C LEU C 48 -14.79 2.02 -16.18
N PHE C 49 -15.97 1.40 -16.13
CA PHE C 49 -16.97 1.88 -15.18
CA PHE C 49 -17.06 1.80 -15.23
C PHE C 49 -17.00 0.99 -13.95
N VAL C 50 -17.50 1.57 -12.85
CA VAL C 50 -17.76 0.83 -11.63
C VAL C 50 -19.10 0.11 -11.83
N ASP C 51 -19.07 -1.22 -11.91
CA ASP C 51 -20.36 -1.90 -11.99
C ASP C 51 -21.06 -1.92 -10.64
N ARG C 52 -20.33 -2.26 -9.58
CA ARG C 52 -20.87 -2.28 -8.23
C ARG C 52 -19.74 -2.44 -7.23
N PHE C 53 -20.05 -2.22 -5.96
CA PHE C 53 -19.09 -2.51 -4.89
C PHE C 53 -19.38 -3.90 -4.36
N MET C 54 -18.32 -4.61 -3.99
CA MET C 54 -18.54 -5.95 -3.51
C MET C 54 -19.09 -5.90 -2.09
N THR C 55 -19.93 -6.87 -1.79
CA THR C 55 -20.65 -6.89 -0.52
C THR C 55 -20.19 -8.04 0.38
N THR C 56 -19.25 -8.84 -0.07
CA THR C 56 -18.56 -9.80 0.78
C THR C 56 -17.12 -9.34 0.98
N ALA C 57 -16.52 -9.80 2.07
CA ALA C 57 -15.15 -9.42 2.38
C ALA C 57 -14.20 -10.38 1.70
N MET C 58 -14.21 -10.34 0.36
CA MET C 58 -13.43 -11.24 -0.47
C MET C 58 -12.66 -10.43 -1.49
N PHE C 59 -11.60 -11.02 -2.03
CA PHE C 59 -10.78 -10.39 -3.06
C PHE C 59 -10.50 -11.39 -4.18
N TYR C 60 -10.28 -10.87 -5.37
CA TYR C 60 -10.03 -11.77 -6.49
C TYR C 60 -8.68 -12.45 -6.28
N PRO C 61 -8.61 -13.78 -6.23
CA PRO C 61 -7.32 -14.45 -6.06
C PRO C 61 -6.45 -14.43 -7.30
N THR C 62 -6.98 -14.05 -8.46
CA THR C 62 -6.21 -13.81 -9.68
C THR C 62 -6.62 -12.46 -10.24
N ASN C 63 -5.90 -11.98 -11.28
CA ASN C 63 -6.45 -10.86 -12.04
C ASN C 63 -7.67 -11.33 -12.84
N TYR C 64 -8.51 -10.37 -13.22
CA TYR C 64 -9.78 -10.68 -13.87
C TYR C 64 -10.02 -9.73 -15.02
N GLY C 65 -10.37 -10.27 -16.18
CA GLY C 65 -10.62 -9.47 -17.35
C GLY C 65 -11.37 -10.26 -18.40
N TYR C 66 -11.22 -9.83 -19.66
CA TYR C 66 -11.96 -10.43 -20.76
C TYR C 66 -11.11 -10.41 -22.02
N ILE C 67 -11.48 -11.27 -22.97
CA ILE C 67 -10.85 -11.30 -24.29
C ILE C 67 -11.63 -10.35 -25.20
N PRO C 68 -11.00 -9.30 -25.74
CA PRO C 68 -11.72 -8.41 -26.65
C PRO C 68 -12.14 -9.14 -27.92
N ASN C 69 -13.24 -8.65 -28.51
CA ASN C 69 -13.78 -9.19 -29.76
C ASN C 69 -14.23 -10.65 -29.61
N THR C 70 -14.84 -10.95 -28.46
CA THR C 70 -15.47 -12.26 -28.21
C THR C 70 -16.91 -12.02 -27.79
N LEU C 71 -17.78 -13.02 -27.96
CA LEU C 71 -19.17 -12.73 -27.65
C LEU C 71 -19.91 -13.73 -26.75
N SER C 72 -19.75 -15.04 -26.97
CA SER C 72 -20.39 -16.04 -26.10
C SER C 72 -21.91 -15.92 -26.11
N GLU C 73 -22.60 -16.83 -25.40
CA GLU C 73 -24.06 -16.90 -25.50
C GLU C 73 -24.79 -15.74 -24.83
N ASP C 74 -24.31 -15.24 -23.69
CA ASP C 74 -25.12 -14.26 -22.95
C ASP C 74 -24.92 -12.83 -23.44
N GLY C 75 -24.15 -12.61 -24.50
CA GLY C 75 -23.92 -11.28 -25.01
C GLY C 75 -22.75 -10.55 -24.40
N ASP C 76 -22.10 -11.14 -23.41
CA ASP C 76 -20.90 -10.55 -22.84
C ASP C 76 -19.66 -11.29 -23.34
N PRO C 77 -18.50 -10.63 -23.37
CA PRO C 77 -17.26 -11.31 -23.78
C PRO C 77 -16.90 -12.48 -22.85
N VAL C 78 -15.94 -13.28 -23.32
CA VAL C 78 -15.41 -14.38 -22.53
C VAL C 78 -14.58 -13.84 -21.37
N ASP C 79 -14.93 -14.25 -20.15
CA ASP C 79 -14.19 -13.88 -18.96
C ASP C 79 -12.94 -14.74 -18.80
N VAL C 80 -11.86 -14.12 -18.32
CA VAL C 80 -10.60 -14.85 -18.10
C VAL C 80 -10.01 -14.44 -16.75
N LEU C 81 -9.64 -15.44 -15.96
CA LEU C 81 -8.83 -15.26 -14.77
C LEU C 81 -7.37 -15.46 -15.16
N VAL C 82 -6.53 -14.46 -14.92
CA VAL C 82 -5.12 -14.51 -15.32
C VAL C 82 -4.26 -14.54 -14.06
N ILE C 83 -3.49 -15.61 -13.90
CA ILE C 83 -2.55 -15.77 -12.78
C ILE C 83 -1.27 -14.99 -13.09
N THR C 84 -0.82 -14.17 -12.15
CA THR C 84 0.44 -13.46 -12.33
C THR C 84 1.21 -13.48 -11.01
N PRO C 85 2.53 -13.26 -11.05
CA PRO C 85 3.32 -13.28 -9.81
C PRO C 85 3.04 -12.08 -8.91
N VAL C 86 2.74 -10.93 -9.51
CA VAL C 86 2.33 -9.75 -8.76
C VAL C 86 1.12 -9.17 -9.47
N PRO C 87 0.33 -8.33 -8.79
CA PRO C 87 -0.89 -7.80 -9.41
C PRO C 87 -0.61 -6.97 -10.65
N LEU C 88 -1.54 -7.01 -11.58
CA LEU C 88 -1.62 -6.08 -12.71
C LEU C 88 -2.48 -4.87 -12.35
N ILE C 89 -2.58 -3.91 -13.26
CA ILE C 89 -3.45 -2.76 -13.09
C ILE C 89 -4.63 -2.88 -14.03
N SER C 90 -5.73 -2.24 -13.66
CA SER C 90 -6.89 -2.13 -14.53
C SER C 90 -6.52 -1.42 -15.83
N GLY C 91 -6.99 -1.97 -16.95
CA GLY C 91 -6.69 -1.42 -18.25
C GLY C 91 -5.48 -2.03 -18.93
N ALA C 92 -4.66 -2.78 -18.23
CA ALA C 92 -3.52 -3.43 -18.85
C ALA C 92 -3.96 -4.60 -19.73
N VAL C 93 -3.15 -4.89 -20.74
CA VAL C 93 -3.37 -6.02 -21.64
C VAL C 93 -2.23 -7.00 -21.42
N ILE C 94 -2.56 -8.29 -21.33
CA ILE C 94 -1.57 -9.34 -21.08
C ILE C 94 -1.87 -10.51 -22.01
N SER C 95 -0.82 -11.01 -22.66
CA SER C 95 -0.93 -12.20 -23.50
C SER C 95 -0.86 -13.44 -22.63
N CYS C 96 -1.82 -14.35 -22.78
CA CYS C 96 -1.88 -15.52 -21.92
C CYS C 96 -2.41 -16.72 -22.71
N ARG C 97 -2.43 -17.87 -22.06
CA ARG C 97 -2.94 -19.10 -22.66
C ARG C 97 -3.77 -19.86 -21.64
N ALA C 98 -4.86 -20.47 -22.11
CA ALA C 98 -5.82 -21.13 -21.23
C ALA C 98 -5.29 -22.46 -20.76
N VAL C 99 -5.52 -22.75 -19.48
CA VAL C 99 -5.22 -24.08 -18.94
C VAL C 99 -6.47 -24.82 -18.51
N GLY C 100 -7.63 -24.19 -18.55
CA GLY C 100 -8.85 -24.85 -18.15
C GLY C 100 -9.97 -23.83 -18.06
N MET C 101 -11.10 -24.27 -17.49
CA MET C 101 -12.25 -23.38 -17.40
C MET C 101 -13.16 -23.83 -16.26
N LEU C 102 -13.59 -22.88 -15.45
CA LEU C 102 -14.52 -23.15 -14.36
C LEU C 102 -15.94 -22.92 -14.84
N LYS C 103 -16.69 -23.99 -14.98
CA LYS C 103 -18.07 -23.93 -15.46
C LYS C 103 -19.00 -23.76 -14.26
N MET C 104 -20.00 -22.91 -14.42
CA MET C 104 -20.89 -22.54 -13.33
C MET C 104 -22.26 -22.23 -13.92
N THR C 105 -23.25 -22.22 -13.04
CA THR C 105 -24.56 -21.70 -13.38
C THR C 105 -24.99 -20.73 -12.29
N ASP C 106 -25.69 -19.68 -12.71
CA ASP C 106 -26.25 -18.73 -11.77
C ASP C 106 -27.69 -18.45 -12.14
N GLU C 107 -28.30 -17.45 -11.50
CA GLU C 107 -29.70 -17.15 -11.78
C GLU C 107 -29.91 -16.75 -13.23
N SER C 108 -28.86 -16.29 -13.91
CA SER C 108 -28.95 -15.81 -15.28
C SER C 108 -28.62 -16.88 -16.32
N GLY C 109 -28.20 -18.08 -15.90
CA GLY C 109 -27.82 -19.14 -16.81
C GLY C 109 -26.39 -19.60 -16.56
N VAL C 110 -25.68 -19.94 -17.64
CA VAL C 110 -24.31 -20.43 -17.54
C VAL C 110 -23.34 -19.27 -17.37
N ASP C 111 -22.21 -19.57 -16.71
CA ASP C 111 -21.16 -18.61 -16.37
C ASP C 111 -19.84 -19.38 -16.38
N ALA C 112 -19.23 -19.52 -17.55
CA ALA C 112 -17.90 -20.09 -17.66
C ALA C 112 -16.83 -19.01 -17.47
N LYS C 113 -15.77 -19.36 -16.75
CA LYS C 113 -14.62 -18.47 -16.59
C LYS C 113 -13.32 -19.24 -16.87
N ILE C 114 -12.59 -18.78 -17.86
CA ILE C 114 -11.33 -19.39 -18.25
C ILE C 114 -10.24 -19.05 -17.27
N LEU C 115 -9.37 -20.03 -16.99
CA LEU C 115 -8.17 -19.83 -16.21
C LEU C 115 -6.96 -19.84 -17.13
N ALA C 116 -6.13 -18.82 -17.04
CA ALA C 116 -5.01 -18.65 -17.97
C ALA C 116 -3.76 -18.25 -17.22
N VAL C 117 -2.61 -18.54 -17.83
CA VAL C 117 -1.30 -18.16 -17.33
C VAL C 117 -0.62 -17.31 -18.39
N PRO C 118 0.32 -16.45 -18.01
CA PRO C 118 1.07 -15.69 -19.01
C PRO C 118 1.82 -16.60 -19.98
N THR C 119 1.97 -16.14 -21.20
CA THR C 119 2.81 -16.85 -22.17
C THR C 119 4.26 -16.85 -21.72
N THR C 120 5.02 -17.75 -22.31
CA THR C 120 6.41 -17.96 -21.92
C THR C 120 7.28 -16.74 -22.22
N LYS C 121 6.95 -15.97 -23.26
CA LYS C 121 7.68 -14.73 -23.52
C LYS C 121 7.56 -13.75 -22.36
N LEU C 122 6.39 -13.68 -21.72
CA LEU C 122 6.24 -12.77 -20.60
C LEU C 122 6.89 -13.34 -19.36
N SER C 123 6.84 -14.65 -19.18
CA SER C 123 7.44 -15.29 -18.02
C SER C 123 7.60 -16.78 -18.29
N LYS C 124 8.80 -17.30 -18.05
CA LYS C 124 9.05 -18.72 -18.18
C LYS C 124 8.53 -19.53 -17.00
N MET C 125 8.13 -18.89 -15.90
CA MET C 125 7.81 -19.65 -14.69
C MET C 125 6.53 -20.48 -14.82
N TYR C 126 5.70 -20.24 -15.83
CA TYR C 126 4.46 -20.98 -16.00
C TYR C 126 4.54 -22.08 -17.06
N GLN C 127 5.73 -22.39 -17.56
CA GLN C 127 5.85 -23.32 -18.69
C GLN C 127 5.26 -24.68 -18.40
N SER C 128 5.39 -25.17 -17.17
CA SER C 128 4.93 -26.52 -16.87
C SER C 128 3.43 -26.59 -16.62
N MET C 129 2.74 -25.46 -16.64
CA MET C 129 1.29 -25.38 -16.40
C MET C 129 0.55 -25.57 -17.71
N GLN C 130 0.06 -26.80 -17.94
CA GLN C 130 -0.67 -27.11 -19.16
C GLN C 130 -2.16 -27.31 -18.95
N THR C 131 -2.57 -27.85 -17.81
CA THR C 131 -3.97 -28.12 -17.48
C THR C 131 -4.24 -27.66 -16.06
N TYR C 132 -5.52 -27.52 -15.72
CA TYR C 132 -5.87 -26.99 -14.40
C TYR C 132 -5.32 -27.85 -13.26
N GLN C 133 -5.16 -29.15 -13.45
CA GLN C 133 -4.57 -29.96 -12.39
C GLN C 133 -3.10 -29.60 -12.13
N ASP C 134 -2.42 -28.96 -13.07
CA ASP C 134 -1.06 -28.49 -12.81
C ASP C 134 -1.01 -27.28 -11.89
N ILE C 135 -2.11 -26.54 -11.77
CA ILE C 135 -2.12 -25.35 -10.89
C ILE C 135 -2.04 -25.80 -9.44
N PRO C 136 -1.31 -25.09 -8.57
CA PRO C 136 -1.30 -25.47 -7.15
C PRO C 136 -2.72 -25.64 -6.63
N GLN C 137 -2.95 -26.74 -5.91
CA GLN C 137 -4.33 -27.09 -5.56
C GLN C 137 -4.96 -26.01 -4.68
N HIS C 138 -4.18 -25.40 -3.77
CA HIS C 138 -4.74 -24.38 -2.88
C HIS C 138 -5.34 -23.22 -3.66
N LEU C 139 -4.74 -22.88 -4.81
CA LEU C 139 -5.26 -21.77 -5.62
C LEU C 139 -6.53 -22.16 -6.36
N LEU C 140 -6.57 -23.35 -6.97
CA LEU C 140 -7.79 -23.83 -7.60
C LEU C 140 -8.95 -23.80 -6.62
N LEU C 141 -8.70 -24.22 -5.37
CA LEU C 141 -9.78 -24.27 -4.39
C LEU C 141 -10.25 -22.87 -4.01
N SER C 142 -9.33 -21.92 -3.86
CA SER C 142 -9.70 -20.55 -3.48
CA SER C 142 -9.77 -20.59 -3.46
C SER C 142 -10.42 -19.84 -4.61
N ILE C 143 -10.03 -20.11 -5.86
CA ILE C 143 -10.74 -19.52 -6.99
C ILE C 143 -12.16 -20.04 -7.02
N GLU C 144 -12.32 -21.35 -6.89
CA GLU C 144 -13.64 -21.98 -6.87
C GLU C 144 -14.49 -21.40 -5.75
N HIS C 145 -13.91 -21.31 -4.56
CA HIS C 145 -14.61 -20.80 -3.39
C HIS C 145 -15.01 -19.34 -3.59
N PHE C 146 -14.12 -18.54 -4.19
CA PHE C 146 -14.41 -17.13 -4.41
C PHE C 146 -15.64 -16.96 -5.31
N PHE C 147 -15.68 -17.68 -6.43
CA PHE C 147 -16.82 -17.48 -7.33
C PHE C 147 -18.10 -18.12 -6.81
N LYS C 148 -17.98 -19.17 -5.99
CA LYS C 148 -19.18 -19.73 -5.38
C LYS C 148 -19.81 -18.74 -4.40
N HIS C 149 -19.01 -17.88 -3.77
CA HIS C 149 -19.45 -17.14 -2.60
C HIS C 149 -19.39 -15.63 -2.71
N TYR C 150 -18.67 -15.06 -3.67
CA TYR C 150 -18.47 -13.61 -3.60
C TYR C 150 -19.76 -12.83 -3.79
N LYS C 151 -20.78 -13.44 -4.39
CA LYS C 151 -22.06 -12.79 -4.63
C LYS C 151 -23.14 -13.23 -3.65
N ASP C 152 -22.74 -13.87 -2.54
CA ASP C 152 -23.72 -14.44 -1.61
C ASP C 152 -24.66 -13.40 -1.03
N LEU C 153 -24.21 -12.15 -0.90
CA LEU C 153 -25.04 -11.13 -0.28
C LEU C 153 -25.71 -10.22 -1.31
N GLU C 154 -25.71 -10.61 -2.57
CA GLU C 154 -26.41 -9.89 -3.61
C GLU C 154 -27.80 -10.51 -3.78
N GLU C 155 -28.84 -9.71 -3.49
CA GLU C 155 -30.20 -10.24 -3.43
C GLU C 155 -30.61 -10.80 -4.79
N GLY C 156 -31.24 -11.97 -4.76
CA GLY C 156 -31.70 -12.60 -5.97
C GLY C 156 -30.66 -13.35 -6.76
N LYS C 157 -29.48 -13.58 -6.18
CA LYS C 157 -28.43 -14.30 -6.89
C LYS C 157 -28.01 -15.55 -6.16
N TRP C 158 -27.54 -16.51 -6.96
CA TRP C 158 -27.00 -17.78 -6.48
C TRP C 158 -25.98 -18.24 -7.50
N VAL C 159 -25.11 -19.14 -7.07
CA VAL C 159 -24.09 -19.71 -7.93
C VAL C 159 -24.03 -21.20 -7.64
N LYS C 160 -24.01 -22.00 -8.70
CA LYS C 160 -23.73 -23.43 -8.62
C LYS C 160 -22.48 -23.71 -9.43
N VAL C 161 -21.51 -24.40 -8.83
CA VAL C 161 -20.28 -24.76 -9.51
C VAL C 161 -20.51 -26.11 -10.21
N GLU C 162 -20.48 -26.10 -11.55
CA GLU C 162 -20.54 -27.36 -12.26
C GLU C 162 -19.20 -28.09 -12.19
N GLY C 163 -18.09 -27.36 -12.15
CA GLY C 163 -16.77 -27.96 -12.04
C GLY C 163 -15.83 -27.47 -13.11
N TRP C 164 -14.61 -27.99 -13.05
CA TRP C 164 -13.55 -27.59 -13.96
C TRP C 164 -13.58 -28.49 -15.19
N VAL C 165 -13.19 -27.90 -16.32
CA VAL C 165 -12.96 -28.65 -17.56
C VAL C 165 -11.59 -28.24 -18.10
N GLY C 166 -11.06 -29.06 -19.00
CA GLY C 166 -9.68 -28.95 -19.36
C GLY C 166 -9.42 -27.89 -20.42
N PRO C 167 -8.15 -27.75 -20.80
CA PRO C 167 -7.78 -26.68 -21.74
C PRO C 167 -8.45 -26.79 -23.09
N ASP C 168 -8.71 -28.01 -23.58
CA ASP C 168 -9.39 -28.16 -24.87
C ASP C 168 -10.78 -27.53 -24.80
N ALA C 169 -11.53 -27.83 -23.74
CA ALA C 169 -12.84 -27.22 -23.57
C ALA C 169 -12.72 -25.70 -23.43
N ALA C 170 -11.70 -25.22 -22.70
CA ALA C 170 -11.45 -23.78 -22.61
C ALA C 170 -11.17 -23.20 -23.99
N ARG C 171 -10.30 -23.86 -24.76
CA ARG C 171 -10.01 -23.41 -26.11
C ARG C 171 -11.25 -23.53 -26.99
N GLU C 172 -12.07 -24.55 -26.76
CA GLU C 172 -13.36 -24.65 -27.44
C GLU C 172 -14.25 -23.46 -27.10
N GLU C 173 -14.27 -23.05 -25.82
CA GLU C 173 -15.08 -21.88 -25.42
C GLU C 173 -14.59 -20.62 -26.11
N ILE C 174 -13.28 -20.44 -26.19
CA ILE C 174 -12.72 -19.28 -26.89
C ILE C 174 -13.13 -19.27 -28.36
N THR C 175 -12.96 -20.41 -29.04
CA THR C 175 -13.22 -20.45 -30.48
C THR C 175 -14.68 -20.14 -30.80
N SER C 176 -15.61 -20.81 -30.11
CA SER C 176 -17.03 -20.58 -30.36
C SER C 176 -17.40 -19.13 -30.12
N SER C 177 -16.87 -18.52 -29.07
CA SER C 177 -17.23 -17.13 -28.74
C SER C 177 -16.57 -16.13 -29.68
N ILE C 178 -15.41 -16.46 -30.23
CA ILE C 178 -14.85 -15.63 -31.28
C ILE C 178 -15.77 -15.68 -32.50
N ASN C 179 -16.26 -16.88 -32.81
CA ASN C 179 -17.17 -17.06 -33.93
C ASN C 179 -18.48 -16.29 -33.71
N ARG C 180 -19.05 -16.38 -32.51
CA ARG C 180 -20.30 -15.68 -32.24
C ARG C 180 -20.13 -14.18 -32.44
N TYR C 181 -18.96 -13.65 -32.08
CA TYR C 181 -18.70 -12.23 -32.26
C TYR C 181 -18.56 -11.88 -33.74
N ASN C 182 -17.94 -12.77 -34.51
CA ASN C 182 -17.71 -12.48 -35.93
C ASN C 182 -19.01 -12.41 -36.71
N HIS C 183 -19.95 -13.33 -36.46
CA HIS C 183 -21.23 -13.30 -37.19
C HIS C 183 -22.02 -12.04 -36.87
N THR C 184 -21.93 -11.56 -35.62
CA THR C 184 -22.65 -10.34 -35.24
C THR C 184 -22.13 -9.14 -36.03
N LYS C 185 -20.81 -8.98 -36.10
CA LYS C 185 -20.20 -7.88 -36.84
C LYS C 185 -19.80 -8.33 -38.24
N ILE D 14 -0.92 14.33 -28.34
CA ILE D 14 -0.23 14.98 -27.24
C ILE D 14 1.02 15.69 -27.76
N GLN D 15 1.09 17.00 -27.52
CA GLN D 15 2.24 17.79 -27.97
C GLN D 15 3.51 17.34 -27.26
N SER D 16 4.65 17.45 -27.96
CA SER D 16 5.92 17.00 -27.40
C SER D 16 6.33 17.83 -26.19
N GLY D 17 5.88 19.09 -26.13
CA GLY D 17 6.20 19.92 -24.99
C GLY D 17 5.83 21.37 -25.20
N ARG D 18 5.73 22.12 -24.09
CA ARG D 18 5.46 23.55 -24.18
C ARG D 18 6.54 24.24 -25.02
N ASP D 19 7.80 24.06 -24.64
CA ASP D 19 8.93 24.74 -25.28
C ASP D 19 10.02 23.72 -25.58
N VAL D 20 9.74 22.84 -26.53
N VAL D 20 9.75 22.84 -26.54
CA VAL D 20 10.75 21.84 -26.92
CA VAL D 20 10.74 21.86 -26.96
C VAL D 20 12.01 22.57 -27.39
C VAL D 20 12.01 22.58 -27.42
N PRO D 21 13.21 22.12 -27.04
CA PRO D 21 13.50 20.95 -26.18
C PRO D 21 13.70 21.34 -24.74
N ASN D 22 13.33 22.57 -24.36
CA ASN D 22 13.60 23.01 -22.99
C ASN D 22 12.56 22.42 -22.02
N GLU D 23 11.31 22.29 -22.44
CA GLU D 23 10.23 21.67 -21.67
C GLU D 23 9.50 20.66 -22.54
N VAL D 24 9.32 19.44 -22.03
CA VAL D 24 8.71 18.36 -22.80
C VAL D 24 7.69 17.61 -21.96
N ASN D 25 6.72 17.01 -22.64
CA ASN D 25 5.74 16.13 -22.03
C ASN D 25 6.22 14.69 -22.08
N VAL D 26 6.06 13.98 -20.97
CA VAL D 26 6.44 12.58 -20.83
C VAL D 26 5.22 11.76 -20.44
N ILE D 27 4.96 10.69 -21.18
CA ILE D 27 3.92 9.72 -20.86
C ILE D 27 4.52 8.62 -20.01
N ILE D 28 3.96 8.40 -18.82
CA ILE D 28 4.55 7.46 -17.86
C ILE D 28 4.12 6.03 -18.20
N GLU D 29 5.10 5.13 -18.31
CA GLU D 29 4.81 3.72 -18.49
C GLU D 29 4.94 2.90 -17.21
N ILE D 30 5.94 3.21 -16.37
CA ILE D 30 6.20 2.48 -15.16
C ILE D 30 6.41 3.49 -14.02
N PRO D 31 5.64 3.43 -12.95
CA PRO D 31 5.84 4.38 -11.85
C PRO D 31 7.09 4.05 -11.04
N MET D 32 7.59 5.06 -10.35
CA MET D 32 8.67 4.82 -9.40
C MET D 32 8.22 3.85 -8.32
N HIS D 33 9.15 3.00 -7.89
CA HIS D 33 8.91 2.10 -6.76
C HIS D 33 7.68 1.22 -6.97
N GLY D 34 7.48 0.74 -8.19
CA GLY D 34 6.29 0.01 -8.55
C GLY D 34 6.51 -1.51 -8.58
N GLU D 35 5.46 -2.21 -9.00
CA GLU D 35 5.50 -3.67 -9.12
C GLU D 35 6.49 -4.07 -10.21
N PRO D 36 7.15 -5.22 -10.06
CA PRO D 36 8.10 -5.69 -11.09
C PRO D 36 7.41 -6.19 -12.34
N VAL D 37 6.61 -5.33 -12.95
CA VAL D 37 5.92 -5.60 -14.20
C VAL D 37 6.41 -4.57 -15.20
N LYS D 38 6.93 -5.03 -16.34
CA LYS D 38 7.47 -4.13 -17.34
C LYS D 38 6.34 -3.80 -18.33
N TYR D 39 5.56 -2.77 -18.00
CA TYR D 39 4.52 -2.26 -18.87
C TYR D 39 5.13 -1.42 -19.99
N GLU D 40 4.49 -1.44 -21.15
CA GLU D 40 4.89 -0.62 -22.28
C GLU D 40 3.66 -0.21 -23.06
N VAL D 41 3.63 1.05 -23.52
CA VAL D 41 2.56 1.46 -24.41
C VAL D 41 2.81 0.83 -25.77
N ASP D 42 1.81 0.15 -26.29
CA ASP D 42 1.82 -0.32 -27.66
C ASP D 42 1.65 0.92 -28.54
N LYS D 43 2.72 1.30 -29.25
CA LYS D 43 2.69 2.54 -30.02
C LYS D 43 1.63 2.53 -31.12
N LYS D 44 1.26 1.36 -31.63
CA LYS D 44 0.24 1.29 -32.67
C LYS D 44 -1.14 1.62 -32.09
N THR D 45 -1.51 0.94 -31.01
CA THR D 45 -2.86 1.04 -30.47
C THR D 45 -3.01 1.99 -29.29
N GLY D 46 -1.89 2.37 -28.66
CA GLY D 46 -1.95 3.20 -27.48
C GLY D 46 -2.30 2.47 -26.21
N ALA D 47 -2.43 1.15 -26.24
CA ALA D 47 -2.79 0.37 -25.07
C ALA D 47 -1.55 0.02 -24.26
N LEU D 48 -1.75 -0.07 -22.94
CA LEU D 48 -0.69 -0.44 -22.02
C LEU D 48 -0.63 -1.96 -21.94
N PHE D 49 0.46 -2.55 -22.45
CA PHE D 49 0.58 -3.99 -22.41
CA PHE D 49 0.69 -3.99 -22.51
C PHE D 49 1.68 -4.40 -21.44
N VAL D 50 1.59 -5.66 -21.01
CA VAL D 50 2.62 -6.27 -20.18
C VAL D 50 3.67 -6.82 -21.14
N ASP D 51 4.85 -6.21 -21.15
CA ASP D 51 5.90 -6.75 -22.01
C ASP D 51 6.50 -8.02 -21.41
N ARG D 52 6.79 -7.99 -20.11
CA ARG D 52 7.31 -9.15 -19.39
C ARG D 52 7.29 -8.83 -17.92
N PHE D 53 7.52 -9.85 -17.11
CA PHE D 53 7.68 -9.65 -15.69
C PHE D 53 9.15 -9.55 -15.40
N MET D 54 9.53 -8.65 -14.50
CA MET D 54 10.93 -8.50 -14.20
C MET D 54 11.41 -9.68 -13.40
N THR D 55 12.63 -10.10 -13.67
CA THR D 55 13.19 -11.31 -13.10
C THR D 55 14.25 -11.02 -12.03
N THR D 56 14.56 -9.75 -11.78
CA THR D 56 15.35 -9.37 -10.61
C THR D 56 14.45 -8.65 -9.60
N ALA D 57 14.88 -8.65 -8.34
CA ALA D 57 14.12 -8.02 -7.26
C ALA D 57 14.50 -6.55 -7.17
N MET D 58 14.11 -5.80 -8.20
CA MET D 58 14.44 -4.39 -8.34
C MET D 58 13.20 -3.59 -8.70
N PHE D 59 13.25 -2.29 -8.43
CA PHE D 59 12.18 -1.38 -8.78
C PHE D 59 12.78 -0.14 -9.42
N TYR D 60 11.99 0.53 -10.25
CA TYR D 60 12.50 1.74 -10.91
C TYR D 60 12.65 2.84 -9.88
N PRO D 61 13.83 3.42 -9.71
CA PRO D 61 13.99 4.48 -8.69
C PRO D 61 13.35 5.80 -9.06
N THR D 62 12.93 5.99 -10.31
CA THR D 62 12.16 7.13 -10.77
C THR D 62 10.98 6.58 -11.57
N ASN D 63 10.05 7.47 -11.93
CA ASN D 63 9.06 7.10 -12.94
C ASN D 63 9.75 6.97 -14.28
N TYR D 64 9.13 6.21 -15.18
CA TYR D 64 9.77 5.88 -16.44
C TYR D 64 8.76 5.99 -17.56
N GLY D 65 9.14 6.70 -18.61
CA GLY D 65 8.24 6.92 -19.72
C GLY D 65 8.97 7.40 -20.93
N TYR D 66 8.23 8.07 -21.81
CA TYR D 66 8.79 8.48 -23.08
C TYR D 66 8.17 9.80 -23.55
N ILE D 67 8.88 10.48 -24.45
CA ILE D 67 8.39 11.70 -25.08
C ILE D 67 7.61 11.31 -26.33
N PRO D 68 6.33 11.62 -26.43
CA PRO D 68 5.58 11.27 -27.64
C PRO D 68 6.10 12.06 -28.84
N ASN D 69 5.93 11.47 -30.02
CA ASN D 69 6.29 12.11 -31.29
C ASN D 69 7.80 12.36 -31.37
N THR D 70 8.58 11.39 -30.88
CA THR D 70 10.02 11.38 -31.05
C THR D 70 10.43 10.04 -31.64
N LEU D 71 11.54 10.06 -32.38
CA LEU D 71 12.08 8.86 -33.03
C LEU D 71 13.59 8.85 -32.82
N SER D 72 14.05 8.21 -31.75
CA SER D 72 15.49 8.02 -31.56
C SER D 72 16.03 7.04 -32.61
N GLU D 73 17.32 6.73 -32.51
CA GLU D 73 17.96 5.87 -33.50
C GLU D 73 17.38 4.46 -33.49
N ASP D 74 16.92 3.96 -32.34
CA ASP D 74 16.47 2.57 -32.29
C ASP D 74 15.05 2.38 -32.81
N GLY D 75 14.40 3.44 -33.26
CA GLY D 75 13.05 3.35 -33.75
C GLY D 75 11.98 3.51 -32.70
N ASP D 76 12.37 3.62 -31.42
CA ASP D 76 11.51 3.88 -30.28
C ASP D 76 11.63 5.33 -29.85
N PRO D 77 10.62 5.86 -29.16
CA PRO D 77 10.72 7.22 -28.63
C PRO D 77 11.84 7.38 -27.63
N VAL D 78 12.14 8.65 -27.34
CA VAL D 78 13.11 9.00 -26.32
C VAL D 78 12.57 8.59 -24.96
N ASP D 79 13.36 7.79 -24.24
CA ASP D 79 13.03 7.37 -22.88
C ASP D 79 13.38 8.48 -21.90
N VAL D 80 12.54 8.69 -20.90
CA VAL D 80 12.80 9.71 -19.89
C VAL D 80 12.53 9.13 -18.51
N LEU D 81 13.47 9.35 -17.60
CA LEU D 81 13.28 9.14 -16.18
C LEU D 81 12.84 10.46 -15.55
N VAL D 82 11.69 10.44 -14.89
CA VAL D 82 11.12 11.67 -14.31
C VAL D 82 11.13 11.50 -12.80
N ILE D 83 11.87 12.38 -12.12
CA ILE D 83 11.92 12.40 -10.66
C ILE D 83 10.67 13.13 -10.16
N THR D 84 9.96 12.53 -9.22
CA THR D 84 8.80 13.18 -8.60
C THR D 84 8.82 12.91 -7.10
N PRO D 85 8.12 13.72 -6.32
CA PRO D 85 8.16 13.53 -4.85
C PRO D 85 7.43 12.30 -4.39
N VAL D 86 6.36 11.93 -5.09
CA VAL D 86 5.58 10.73 -4.84
C VAL D 86 5.33 10.06 -6.19
N PRO D 87 5.02 8.76 -6.19
CA PRO D 87 4.86 8.04 -7.46
C PRO D 87 3.73 8.60 -8.32
N LEU D 88 3.92 8.54 -9.62
CA LEU D 88 2.86 8.77 -10.58
C LEU D 88 2.20 7.42 -10.91
N ILE D 89 1.19 7.42 -11.77
CA ILE D 89 0.56 6.20 -12.24
C ILE D 89 0.87 6.01 -13.71
N SER D 90 0.86 4.76 -14.16
CA SER D 90 0.98 4.47 -15.58
C SER D 90 -0.13 5.18 -16.37
N GLY D 91 0.24 5.78 -17.50
CA GLY D 91 -0.69 6.50 -18.34
C GLY D 91 -0.76 8.00 -18.11
N ALA D 92 -0.21 8.50 -17.01
CA ALA D 92 -0.20 9.94 -16.76
C ALA D 92 0.78 10.65 -17.70
N VAL D 93 0.51 11.93 -17.94
CA VAL D 93 1.39 12.79 -18.74
C VAL D 93 1.91 13.87 -17.81
N ILE D 94 3.23 14.12 -17.86
CA ILE D 94 3.84 15.12 -16.98
C ILE D 94 4.80 15.99 -17.78
N SER D 95 4.69 17.30 -17.58
CA SER D 95 5.59 18.27 -18.19
C SER D 95 6.88 18.37 -17.38
N CYS D 96 8.03 18.22 -18.03
CA CYS D 96 9.29 18.20 -17.29
C CYS D 96 10.41 18.80 -18.13
N ARG D 97 11.59 18.93 -17.52
CA ARG D 97 12.74 19.48 -18.23
C ARG D 97 13.97 18.65 -17.91
N ALA D 98 14.80 18.41 -18.92
CA ALA D 98 15.94 17.52 -18.76
C ALA D 98 17.07 18.19 -18.00
N VAL D 99 17.70 17.45 -17.10
CA VAL D 99 18.92 17.91 -16.42
C VAL D 99 20.14 17.13 -16.84
N GLY D 100 19.97 16.07 -17.62
CA GLY D 100 21.10 15.28 -18.09
C GLY D 100 20.60 14.05 -18.82
N MET D 101 21.53 13.15 -19.12
CA MET D 101 21.20 11.97 -19.91
C MET D 101 22.22 10.88 -19.60
N LEU D 102 21.72 9.68 -19.35
CA LEU D 102 22.57 8.52 -19.06
C LEU D 102 22.82 7.71 -20.33
N LYS D 103 24.08 7.60 -20.72
CA LYS D 103 24.46 6.94 -21.97
C LYS D 103 24.88 5.50 -21.68
N MET D 104 24.28 4.55 -22.40
CA MET D 104 24.56 3.13 -22.20
C MET D 104 24.65 2.42 -23.55
N THR D 105 25.20 1.22 -23.51
CA THR D 105 25.17 0.28 -24.63
C THR D 105 24.69 -1.07 -24.13
N ASP D 106 23.91 -1.77 -24.96
CA ASP D 106 23.46 -3.11 -24.66
C ASP D 106 23.58 -3.97 -25.92
N GLU D 107 22.97 -5.16 -25.88
CA GLU D 107 23.08 -6.11 -26.99
C GLU D 107 22.49 -5.59 -28.29
N SER D 108 21.59 -4.61 -28.25
CA SER D 108 21.00 -4.04 -29.45
C SER D 108 21.71 -2.78 -29.92
N GLY D 109 22.68 -2.28 -29.17
CA GLY D 109 23.33 -1.05 -29.55
C GLY D 109 23.28 0.00 -28.46
N VAL D 110 23.11 1.26 -28.82
CA VAL D 110 23.13 2.33 -27.83
C VAL D 110 21.79 2.38 -27.11
N ASP D 111 21.81 2.85 -25.85
CA ASP D 111 20.60 2.96 -25.00
C ASP D 111 20.79 4.16 -24.08
N ALA D 112 20.42 5.35 -24.57
CA ALA D 112 20.40 6.57 -23.76
C ALA D 112 19.07 6.73 -23.01
N LYS D 113 19.15 7.26 -21.78
CA LYS D 113 17.98 7.55 -20.96
C LYS D 113 18.07 8.99 -20.45
N ILE D 114 17.07 9.82 -20.81
CA ILE D 114 17.03 11.20 -20.33
C ILE D 114 16.63 11.22 -18.87
N LEU D 115 17.26 12.11 -18.08
CA LEU D 115 16.85 12.37 -16.70
C LEU D 115 16.23 13.76 -16.58
N ALA D 116 15.03 13.83 -16.01
CA ALA D 116 14.24 15.06 -16.01
C ALA D 116 13.59 15.30 -14.65
N VAL D 117 13.30 16.58 -14.38
CA VAL D 117 12.56 16.98 -13.18
C VAL D 117 11.30 17.71 -13.65
N PRO D 118 10.26 17.74 -12.82
CA PRO D 118 9.05 18.50 -13.19
C PRO D 118 9.39 19.96 -13.42
N THR D 119 8.65 20.59 -14.33
CA THR D 119 8.80 22.03 -14.55
C THR D 119 8.40 22.80 -13.31
N THR D 120 8.84 24.06 -13.25
CA THR D 120 8.62 24.87 -12.06
C THR D 120 7.13 25.10 -11.77
N LYS D 121 6.29 25.13 -12.81
CA LYS D 121 4.84 25.23 -12.60
C LYS D 121 4.31 24.05 -11.79
N LEU D 122 4.88 22.86 -12.01
CA LEU D 122 4.39 21.70 -11.27
C LEU D 122 4.89 21.70 -9.83
N SER D 123 6.12 22.15 -9.61
CA SER D 123 6.72 22.17 -8.27
C SER D 123 7.91 23.11 -8.26
N LYS D 124 7.97 24.01 -7.29
CA LYS D 124 9.14 24.86 -7.15
C LYS D 124 10.32 24.12 -6.53
N MET D 125 10.12 22.93 -6.00
CA MET D 125 11.17 22.28 -5.23
C MET D 125 12.38 21.85 -6.05
N TYR D 126 12.26 21.76 -7.38
CA TYR D 126 13.35 21.30 -8.22
C TYR D 126 14.07 22.45 -8.91
N GLN D 127 13.73 23.70 -8.56
CA GLN D 127 14.22 24.87 -9.28
C GLN D 127 15.74 24.94 -9.28
N SER D 128 16.38 24.52 -8.19
CA SER D 128 17.82 24.55 -8.12
C SER D 128 18.47 23.35 -8.81
N MET D 129 17.68 22.41 -9.35
CA MET D 129 18.25 21.28 -10.08
C MET D 129 18.36 21.67 -11.55
N GLN D 130 19.55 22.13 -11.96
CA GLN D 130 19.79 22.55 -13.33
C GLN D 130 20.54 21.50 -14.13
N THR D 131 21.44 20.76 -13.49
CA THR D 131 22.19 19.73 -14.17
C THR D 131 22.18 18.46 -13.33
N TYR D 132 22.54 17.35 -13.99
CA TYR D 132 22.53 16.07 -13.29
C TYR D 132 23.43 16.11 -12.08
N GLN D 133 24.46 16.96 -12.09
CA GLN D 133 25.31 17.06 -10.91
C GLN D 133 24.58 17.65 -9.71
N ASP D 134 23.50 18.41 -9.95
CA ASP D 134 22.69 18.93 -8.85
C ASP D 134 21.83 17.85 -8.20
N ILE D 135 21.56 16.75 -8.90
CA ILE D 135 20.71 15.70 -8.31
C ILE D 135 21.46 15.01 -7.18
N PRO D 136 20.79 14.65 -6.08
CA PRO D 136 21.48 13.90 -5.01
C PRO D 136 22.26 12.71 -5.57
N GLN D 137 23.50 12.55 -5.09
CA GLN D 137 24.38 11.54 -5.64
C GLN D 137 23.82 10.14 -5.45
N HIS D 138 23.17 9.89 -4.31
CA HIS D 138 22.65 8.55 -4.06
C HIS D 138 21.65 8.14 -5.13
N LEU D 139 20.85 9.09 -5.63
CA LEU D 139 19.84 8.77 -6.64
C LEU D 139 20.48 8.54 -8.01
N LEU D 140 21.44 9.39 -8.39
CA LEU D 140 22.16 9.13 -9.64
C LEU D 140 22.78 7.74 -9.61
N LEU D 141 23.39 7.37 -8.50
CA LEU D 141 24.06 6.08 -8.43
C LEU D 141 23.06 4.93 -8.48
N SER D 142 21.89 5.11 -7.83
CA SER D 142 20.91 4.03 -7.85
CA SER D 142 20.88 4.05 -7.85
C SER D 142 20.26 3.90 -9.22
N ILE D 143 20.12 4.99 -9.96
CA ILE D 143 19.60 4.92 -11.33
C ILE D 143 20.58 4.15 -12.22
N GLU D 144 21.87 4.49 -12.16
CA GLU D 144 22.87 3.77 -12.95
C GLU D 144 22.83 2.28 -12.62
N HIS D 145 22.84 1.97 -11.32
CA HIS D 145 22.87 0.58 -10.89
C HIS D 145 21.63 -0.17 -11.34
N PHE D 146 20.46 0.47 -11.28
CA PHE D 146 19.25 -0.20 -11.70
C PHE D 146 19.33 -0.62 -13.16
N PHE D 147 19.67 0.32 -14.05
CA PHE D 147 19.66 -0.02 -15.47
C PHE D 147 20.82 -0.95 -15.81
N LYS D 148 21.89 -0.92 -15.02
CA LYS D 148 22.98 -1.85 -15.22
C LYS D 148 22.57 -3.29 -14.89
N HIS D 149 21.65 -3.49 -13.93
CA HIS D 149 21.47 -4.83 -13.38
C HIS D 149 20.07 -5.40 -13.48
N TYR D 150 19.04 -4.61 -13.77
CA TYR D 150 17.69 -5.16 -13.66
C TYR D 150 17.40 -6.23 -14.70
N LYS D 151 18.13 -6.28 -15.81
CA LYS D 151 18.00 -7.33 -16.81
C LYS D 151 19.09 -8.40 -16.70
N ASP D 152 19.78 -8.47 -15.55
CA ASP D 152 20.86 -9.45 -15.36
C ASP D 152 20.42 -10.90 -15.60
N LEU D 153 19.15 -11.23 -15.35
CA LEU D 153 18.70 -12.60 -15.48
C LEU D 153 17.92 -12.83 -16.76
N GLU D 154 17.93 -11.87 -17.67
CA GLU D 154 17.29 -12.04 -18.96
C GLU D 154 18.36 -12.54 -19.94
N GLU D 155 18.13 -13.73 -20.48
CA GLU D 155 19.11 -14.42 -21.31
C GLU D 155 19.42 -13.65 -22.59
N GLY D 156 20.71 -13.59 -22.92
CA GLY D 156 21.14 -12.93 -24.14
C GLY D 156 21.23 -11.43 -24.07
N LYS D 157 21.14 -10.82 -22.88
CA LYS D 157 21.20 -9.39 -22.73
C LYS D 157 22.37 -8.99 -21.82
N TRP D 158 22.86 -7.76 -22.02
CA TRP D 158 23.88 -7.18 -21.16
C TRP D 158 23.76 -5.67 -21.26
N VAL D 159 24.37 -4.98 -20.29
CA VAL D 159 24.34 -3.51 -20.24
C VAL D 159 25.72 -3.01 -19.85
N LYS D 160 26.20 -1.99 -20.57
CA LYS D 160 27.39 -1.23 -20.19
C LYS D 160 26.98 0.21 -19.96
N VAL D 161 27.38 0.76 -18.82
CA VAL D 161 27.13 2.17 -18.52
C VAL D 161 28.33 2.99 -18.97
N GLU D 162 28.10 3.93 -19.87
CA GLU D 162 29.18 4.82 -20.26
C GLU D 162 29.30 6.03 -19.35
N GLY D 163 28.19 6.62 -18.91
CA GLY D 163 28.29 7.82 -18.11
C GLY D 163 27.20 8.84 -18.39
N TRP D 164 27.26 9.96 -17.68
CA TRP D 164 26.29 11.04 -17.76
C TRP D 164 26.76 12.15 -18.70
N VAL D 165 25.79 12.80 -19.35
CA VAL D 165 26.04 14.03 -20.08
C VAL D 165 25.03 15.07 -19.60
N GLY D 166 25.30 16.32 -19.93
CA GLY D 166 24.59 17.42 -19.32
C GLY D 166 23.29 17.76 -20.03
N PRO D 167 22.60 18.80 -19.54
CA PRO D 167 21.32 19.17 -20.14
C PRO D 167 21.42 19.60 -21.59
N ASP D 168 22.51 20.27 -21.98
CA ASP D 168 22.64 20.65 -23.37
C ASP D 168 22.69 19.39 -24.25
N ALA D 169 23.47 18.40 -23.82
CA ALA D 169 23.52 17.15 -24.57
C ALA D 169 22.16 16.46 -24.60
N ALA D 170 21.44 16.47 -23.47
CA ALA D 170 20.10 15.90 -23.43
C ALA D 170 19.17 16.59 -24.41
N ARG D 171 19.19 17.92 -24.44
CA ARG D 171 18.31 18.66 -25.33
C ARG D 171 18.66 18.37 -26.79
N GLU D 172 19.95 18.19 -27.10
CA GLU D 172 20.33 17.79 -28.46
C GLU D 172 19.70 16.47 -28.84
N GLU D 173 19.73 15.49 -27.92
CA GLU D 173 19.10 14.20 -28.21
C GLU D 173 17.60 14.36 -28.45
N ILE D 174 16.93 15.18 -27.63
CA ILE D 174 15.50 15.42 -27.86
C ILE D 174 15.27 16.03 -29.22
N THR D 175 16.03 17.10 -29.54
CA THR D 175 15.82 17.81 -30.81
C THR D 175 16.07 16.87 -31.98
N SER D 176 17.19 16.14 -31.96
CA SER D 176 17.51 15.22 -33.04
C SER D 176 16.40 14.19 -33.23
N SER D 177 15.82 13.71 -32.13
CA SER D 177 14.81 12.67 -32.20
C SER D 177 13.44 13.18 -32.63
N ILE D 178 13.09 14.43 -32.31
CA ILE D 178 11.83 14.99 -32.82
C ILE D 178 11.89 15.17 -34.32
N ASN D 179 13.03 15.62 -34.85
CA ASN D 179 13.17 15.78 -36.29
C ASN D 179 13.01 14.44 -37.00
N ARG D 180 13.64 13.41 -36.46
CA ARG D 180 13.57 12.07 -37.06
C ARG D 180 12.13 11.58 -37.15
N TYR D 181 11.31 11.92 -36.17
CA TYR D 181 9.92 11.44 -36.17
C TYR D 181 9.11 12.05 -37.31
N ASN D 182 9.33 13.34 -37.59
CA ASN D 182 8.53 14.02 -38.60
C ASN D 182 8.86 13.51 -40.01
N HIS D 183 10.15 13.36 -40.32
CA HIS D 183 10.54 12.85 -41.63
C HIS D 183 10.11 11.41 -41.82
N THR D 184 10.25 10.60 -40.77
CA THR D 184 9.89 9.18 -40.83
C THR D 184 8.45 8.95 -40.44
N MET E 12 13.84 -10.52 23.67
CA MET E 12 12.84 -11.53 23.34
C MET E 12 12.99 -12.79 24.20
N GLU E 13 11.86 -13.35 24.62
CA GLU E 13 11.83 -14.63 25.33
C GLU E 13 11.39 -15.78 24.42
N ILE E 14 11.58 -15.63 23.12
CA ILE E 14 11.15 -16.63 22.14
C ILE E 14 12.15 -17.77 22.11
N GLN E 15 11.64 -18.99 21.94
CA GLN E 15 12.47 -20.19 21.88
C GLN E 15 12.93 -20.46 20.44
N SER E 16 13.91 -21.35 20.30
CA SER E 16 14.52 -21.63 19.01
C SER E 16 13.56 -22.35 18.06
N GLY E 17 12.64 -23.15 18.59
CA GLY E 17 11.68 -23.82 17.74
C GLY E 17 10.97 -24.95 18.46
N ARG E 18 9.89 -25.42 17.82
CA ARG E 18 9.06 -26.48 18.40
C ARG E 18 9.73 -27.84 18.29
N ASP E 19 10.60 -28.03 17.29
CA ASP E 19 11.34 -29.27 17.10
C ASP E 19 12.62 -29.00 16.31
N VAL E 20 13.60 -28.38 16.97
CA VAL E 20 14.86 -28.02 16.30
C VAL E 20 15.64 -29.29 15.96
N PRO E 21 16.36 -29.34 14.84
CA PRO E 21 16.48 -28.27 13.86
C PRO E 21 15.49 -28.40 12.71
N ASN E 22 14.53 -29.33 12.87
CA ASN E 22 13.58 -29.60 11.79
C ASN E 22 12.51 -28.53 11.69
N GLU E 23 12.05 -27.98 12.81
CA GLU E 23 11.12 -26.86 12.82
C GLU E 23 11.73 -25.79 13.69
N VAL E 24 11.84 -24.57 13.17
CA VAL E 24 12.46 -23.47 13.91
C VAL E 24 11.56 -22.25 13.83
N ASN E 25 11.64 -21.42 14.86
CA ASN E 25 10.99 -20.13 14.87
C ASN E 25 11.93 -19.08 14.30
N VAL E 26 11.43 -18.26 13.39
CA VAL E 26 12.20 -17.16 12.79
C VAL E 26 11.51 -15.85 13.12
N ILE E 27 12.28 -14.90 13.64
CA ILE E 27 11.81 -13.55 13.90
C ILE E 27 12.06 -12.71 12.65
N ILE E 28 11.00 -12.15 12.09
CA ILE E 28 11.12 -11.41 10.84
C ILE E 28 11.65 -10.00 11.12
N GLU E 29 12.70 -9.59 10.41
CA GLU E 29 13.16 -8.22 10.48
C GLU E 29 12.70 -7.39 9.31
N ILE E 30 12.69 -7.97 8.11
CA ILE E 30 12.38 -7.23 6.90
C ILE E 30 11.37 -8.04 6.10
N PRO E 31 10.23 -7.45 5.73
CA PRO E 31 9.24 -8.18 4.94
C PRO E 31 9.68 -8.37 3.50
N MET E 32 9.12 -9.39 2.86
CA MET E 32 9.31 -9.51 1.42
C MET E 32 8.69 -8.30 0.72
N HIS E 33 9.34 -7.87 -0.38
CA HIS E 33 8.81 -6.80 -1.24
C HIS E 33 8.52 -5.51 -0.45
N GLY E 34 9.37 -5.22 0.54
CA GLY E 34 9.14 -4.13 1.46
C GLY E 34 9.90 -2.86 1.11
N GLU E 35 9.85 -1.90 2.03
CA GLU E 35 10.54 -0.64 1.88
C GLU E 35 12.05 -0.84 1.94
N PRO E 36 12.81 -0.04 1.21
CA PRO E 36 14.28 -0.18 1.26
C PRO E 36 14.86 0.32 2.57
N VAL E 37 14.37 -0.23 3.70
CA VAL E 37 14.86 0.10 5.03
C VAL E 37 15.42 -1.19 5.62
N LYS E 38 16.69 -1.14 6.04
CA LYS E 38 17.35 -2.32 6.59
C LYS E 38 17.14 -2.35 8.10
N TYR E 39 16.01 -2.90 8.52
CA TYR E 39 15.77 -3.04 9.96
C TYR E 39 16.53 -4.23 10.52
N GLU E 40 16.92 -4.11 11.79
CA GLU E 40 17.58 -5.18 12.51
C GLU E 40 17.09 -5.14 13.95
N VAL E 41 16.85 -6.32 14.54
CA VAL E 41 16.54 -6.39 15.96
C VAL E 41 17.84 -6.23 16.74
N ASP E 42 17.85 -5.31 17.70
CA ASP E 42 18.96 -5.24 18.64
C ASP E 42 18.84 -6.44 19.57
N LYS E 43 19.79 -7.38 19.44
CA LYS E 43 19.71 -8.65 20.18
C LYS E 43 19.72 -8.42 21.68
N LYS E 44 20.32 -7.32 22.15
CA LYS E 44 20.34 -7.05 23.58
C LYS E 44 18.96 -6.65 24.11
N THR E 45 18.34 -5.66 23.48
CA THR E 45 17.11 -5.05 23.97
C THR E 45 15.84 -5.58 23.31
N GLY E 46 15.95 -6.25 22.17
CA GLY E 46 14.80 -6.72 21.41
C GLY E 46 14.11 -5.67 20.58
N ALA E 47 14.62 -4.45 20.53
CA ALA E 47 13.99 -3.37 19.79
C ALA E 47 14.39 -3.43 18.32
N LEU E 48 13.45 -3.02 17.47
CA LEU E 48 13.69 -2.99 16.04
C LEU E 48 14.33 -1.65 15.66
N PHE E 49 15.57 -1.67 15.19
CA PHE E 49 16.22 -0.42 14.85
CA PHE E 49 16.36 -0.48 14.88
C PHE E 49 16.52 -0.36 13.36
N VAL E 50 16.65 0.87 12.88
CA VAL E 50 17.05 1.10 11.48
C VAL E 50 18.57 0.97 11.43
N ASP E 51 19.07 -0.08 10.80
CA ASP E 51 20.52 -0.15 10.70
C ASP E 51 21.04 0.80 9.64
N ARG E 52 20.36 0.84 8.49
CA ARG E 52 20.69 1.76 7.41
C ARG E 52 19.56 1.72 6.39
N PHE E 53 19.60 2.67 5.46
CA PHE E 53 18.72 2.67 4.31
C PHE E 53 19.45 1.99 3.15
N MET E 54 18.73 1.21 2.37
CA MET E 54 19.40 0.58 1.23
C MET E 54 19.67 1.61 0.16
N THR E 55 20.80 1.43 -0.52
CA THR E 55 21.28 2.37 -1.51
C THR E 55 21.12 1.85 -2.94
N THR E 56 20.64 0.63 -3.12
CA THR E 56 20.23 0.15 -4.44
C THR E 56 18.72 0.05 -4.48
N ALA E 57 18.16 0.12 -5.69
CA ALA E 57 16.71 0.09 -5.86
C ALA E 57 16.26 -1.37 -5.93
N MET E 58 16.39 -2.05 -4.78
CA MET E 58 16.10 -3.46 -4.68
C MET E 58 15.18 -3.73 -3.49
N PHE E 59 14.53 -4.88 -3.50
CA PHE E 59 13.67 -5.31 -2.40
C PHE E 59 13.95 -6.78 -2.11
N TYR E 60 13.68 -7.22 -0.88
CA TYR E 60 13.94 -8.63 -0.53
C TYR E 60 12.93 -9.54 -1.21
N PRO E 61 13.37 -10.54 -1.97
CA PRO E 61 12.41 -11.42 -2.67
C PRO E 61 11.70 -12.41 -1.75
N THR E 62 12.16 -12.57 -0.52
CA THR E 62 11.49 -13.33 0.53
C THR E 62 11.48 -12.47 1.79
N ASN E 63 10.78 -12.92 2.83
CA ASN E 63 10.96 -12.30 4.14
C ASN E 63 12.33 -12.67 4.70
N TYR E 64 12.81 -11.83 5.63
CA TYR E 64 14.18 -11.96 6.14
C TYR E 64 14.21 -11.76 7.65
N GLY E 65 14.85 -12.67 8.36
CA GLY E 65 14.92 -12.61 9.81
C GLY E 65 16.00 -13.51 10.35
N TYR E 66 15.82 -13.93 11.60
CA TYR E 66 16.83 -14.74 12.27
C TYR E 66 16.20 -15.74 13.23
N ILE E 67 16.95 -16.79 13.56
CA ILE E 67 16.55 -17.78 14.54
C ILE E 67 17.03 -17.31 15.90
N PRO E 68 16.14 -17.07 16.87
CA PRO E 68 16.59 -16.67 18.20
C PRO E 68 17.38 -17.78 18.88
N ASN E 69 18.26 -17.38 19.79
CA ASN E 69 19.05 -18.31 20.60
C ASN E 69 19.99 -19.17 19.74
N THR E 70 20.54 -18.58 18.68
CA THR E 70 21.57 -19.24 17.91
C THR E 70 22.77 -18.32 17.82
N LEU E 71 23.95 -18.92 17.69
CA LEU E 71 25.20 -18.18 17.63
C LEU E 71 26.03 -18.77 16.50
N SER E 72 26.09 -18.08 15.35
CA SER E 72 26.99 -18.52 14.30
C SER E 72 28.42 -18.13 14.66
N GLU E 73 29.36 -18.45 13.77
CA GLU E 73 30.76 -18.21 14.09
C GLU E 73 31.06 -16.72 14.24
N ASP E 74 30.34 -15.86 13.52
CA ASP E 74 30.65 -14.44 13.55
C ASP E 74 30.04 -13.71 14.74
N GLY E 75 29.35 -14.40 15.64
CA GLY E 75 28.75 -13.75 16.77
C GLY E 75 27.33 -13.26 16.54
N ASP E 76 26.78 -13.45 15.33
CA ASP E 76 25.40 -13.10 15.00
C ASP E 76 24.53 -14.36 14.93
N PRO E 77 23.22 -14.21 15.18
CA PRO E 77 22.30 -15.33 15.04
C PRO E 77 22.27 -15.83 13.60
N VAL E 78 21.70 -17.03 13.43
CA VAL E 78 21.54 -17.59 12.10
C VAL E 78 20.47 -16.80 11.34
N ASP E 79 20.83 -16.30 10.15
CA ASP E 79 19.91 -15.58 9.28
C ASP E 79 19.06 -16.57 8.50
N VAL E 80 17.80 -16.22 8.28
CA VAL E 80 16.87 -17.08 7.54
C VAL E 80 16.07 -16.27 6.53
N LEU E 81 15.99 -16.77 5.31
CA LEU E 81 15.05 -16.30 4.30
C LEU E 81 13.79 -17.16 4.37
N VAL E 82 12.63 -16.53 4.62
CA VAL E 82 11.38 -17.29 4.78
C VAL E 82 10.44 -16.96 3.64
N ILE E 83 10.11 -17.96 2.84
CA ILE E 83 9.14 -17.81 1.76
C ILE E 83 7.73 -17.85 2.34
N THR E 84 6.89 -16.88 1.97
CA THR E 84 5.49 -16.88 2.35
C THR E 84 4.67 -16.46 1.14
N PRO E 85 3.38 -16.80 1.11
CA PRO E 85 2.55 -16.41 -0.05
C PRO E 85 2.25 -14.91 -0.13
N VAL E 86 2.17 -14.23 1.00
CA VAL E 86 2.06 -12.77 1.04
C VAL E 86 3.05 -12.28 2.09
N PRO E 87 3.40 -10.99 2.07
CA PRO E 87 4.42 -10.50 3.00
C PRO E 87 4.00 -10.67 4.46
N LEU E 88 4.98 -10.94 5.31
CA LEU E 88 4.82 -10.85 6.76
C LEU E 88 5.20 -9.43 7.19
N ILE E 89 5.10 -9.14 8.49
CA ILE E 89 5.50 -7.83 9.00
C ILE E 89 6.76 -7.97 9.85
N SER E 90 7.54 -6.90 9.91
CA SER E 90 8.66 -6.86 10.84
C SER E 90 8.16 -7.11 12.25
N GLY E 91 8.87 -7.96 13.00
CA GLY E 91 8.49 -8.30 14.34
C GLY E 91 7.67 -9.55 14.49
N ALA E 92 7.11 -10.06 13.39
CA ALA E 92 6.38 -11.32 13.44
C ALA E 92 7.32 -12.50 13.64
N VAL E 93 6.78 -13.56 14.23
CA VAL E 93 7.49 -14.83 14.40
C VAL E 93 6.77 -15.87 13.55
N ILE E 94 7.54 -16.70 12.84
CA ILE E 94 6.96 -17.74 11.99
C ILE E 94 7.71 -19.04 12.19
N SER E 95 6.98 -20.12 12.39
CA SER E 95 7.58 -21.44 12.46
C SER E 95 7.82 -21.98 11.05
N CYS E 96 9.05 -22.39 10.75
CA CYS E 96 9.38 -22.82 9.40
C CYS E 96 10.38 -23.95 9.42
N ARG E 97 10.69 -24.49 8.24
CA ARG E 97 11.67 -25.55 8.15
C ARG E 97 12.60 -25.29 6.97
N ALA E 98 13.87 -25.56 7.19
CA ALA E 98 14.89 -25.26 6.20
C ALA E 98 14.84 -26.24 5.04
N VAL E 99 14.98 -25.72 3.82
CA VAL E 99 15.13 -26.55 2.63
C VAL E 99 16.52 -26.44 2.02
N GLY E 100 17.34 -25.52 2.51
CA GLY E 100 18.68 -25.38 1.98
C GLY E 100 19.31 -24.13 2.57
N MET E 101 20.46 -23.76 2.01
CA MET E 101 21.21 -22.65 2.56
C MET E 101 22.06 -22.05 1.45
N LEU E 102 22.07 -20.73 1.33
CA LEU E 102 22.89 -20.06 0.33
C LEU E 102 24.21 -19.66 0.98
N LYS E 103 25.32 -20.17 0.46
CA LYS E 103 26.61 -19.91 1.05
C LYS E 103 27.30 -18.80 0.27
N MET E 104 27.80 -17.82 1.01
CA MET E 104 28.44 -16.64 0.46
C MET E 104 29.67 -16.33 1.29
N THR E 105 30.53 -15.51 0.72
CA THR E 105 31.61 -14.87 1.45
C THR E 105 31.56 -13.40 1.12
N ASP E 106 31.88 -12.56 2.09
CA ASP E 106 31.92 -11.12 1.85
C ASP E 106 33.16 -10.56 2.52
N GLU E 107 33.25 -9.23 2.58
CA GLU E 107 34.43 -8.57 3.14
C GLU E 107 34.64 -8.92 4.60
N SER E 108 33.59 -9.36 5.30
CA SER E 108 33.70 -9.68 6.72
C SER E 108 33.94 -11.15 6.98
N GLY E 109 33.92 -11.98 5.95
CA GLY E 109 34.09 -13.41 6.10
C GLY E 109 32.91 -14.18 5.52
N VAL E 110 32.55 -15.26 6.17
CA VAL E 110 31.50 -16.13 5.69
C VAL E 110 30.14 -15.51 5.98
N ASP E 111 29.17 -15.79 5.11
CA ASP E 111 27.80 -15.28 5.22
C ASP E 111 26.88 -16.34 4.60
N ALA E 112 26.46 -17.30 5.43
CA ALA E 112 25.47 -18.28 5.03
C ALA E 112 24.07 -17.80 5.38
N LYS E 113 23.10 -18.04 4.51
CA LYS E 113 21.70 -17.73 4.82
C LYS E 113 20.82 -18.92 4.48
N ILE E 114 20.08 -19.39 5.48
CA ILE E 114 19.18 -20.51 5.31
C ILE E 114 17.94 -20.06 4.53
N LEU E 115 17.44 -20.94 3.67
CA LEU E 115 16.16 -20.74 3.00
C LEU E 115 15.15 -21.68 3.63
N ALA E 116 14.02 -21.15 4.07
CA ALA E 116 13.05 -21.94 4.80
C ALA E 116 11.66 -21.64 4.27
N VAL E 117 10.76 -22.60 4.46
CA VAL E 117 9.36 -22.49 4.07
C VAL E 117 8.54 -22.71 5.34
N PRO E 118 7.29 -22.22 5.38
CA PRO E 118 6.45 -22.48 6.55
C PRO E 118 6.27 -23.97 6.78
N THR E 119 6.14 -24.34 8.06
CA THR E 119 5.85 -25.73 8.34
C THR E 119 4.47 -26.10 7.79
N THR E 120 4.25 -27.40 7.64
CA THR E 120 3.00 -27.87 7.07
C THR E 120 1.81 -27.53 7.96
N LYS E 121 2.03 -27.44 9.28
CA LYS E 121 0.97 -26.99 10.18
C LYS E 121 0.52 -25.58 9.84
N LEU E 122 1.46 -24.71 9.47
CA LEU E 122 1.08 -23.34 9.11
C LEU E 122 0.46 -23.27 7.72
N SER E 123 0.98 -24.06 6.80
CA SER E 123 0.50 -24.01 5.41
C SER E 123 0.88 -25.33 4.77
N LYS E 124 -0.12 -26.05 4.28
CA LYS E 124 0.15 -27.32 3.61
C LYS E 124 0.67 -27.12 2.19
N MET E 125 0.58 -25.91 1.65
CA MET E 125 0.95 -25.70 0.26
C MET E 125 2.44 -25.90 0.00
N TYR E 126 3.27 -25.90 1.04
CA TYR E 126 4.71 -26.05 0.92
C TYR E 126 5.22 -27.44 1.28
N GLN E 127 4.31 -28.36 1.61
CA GLN E 127 4.73 -29.67 2.11
C GLN E 127 5.59 -30.40 1.09
N SER E 128 5.35 -30.18 -0.19
CA SER E 128 6.16 -30.84 -1.21
C SER E 128 7.50 -30.16 -1.44
N MET E 129 7.80 -29.06 -0.75
CA MET E 129 9.09 -28.39 -0.86
C MET E 129 10.02 -29.00 0.18
N GLN E 130 10.86 -29.96 -0.25
CA GLN E 130 11.80 -30.61 0.65
C GLN E 130 13.22 -30.08 0.54
N THR E 131 13.66 -29.65 -0.65
CA THR E 131 14.98 -29.06 -0.81
C THR E 131 14.87 -27.80 -1.66
N TYR E 132 15.93 -26.97 -1.61
CA TYR E 132 15.91 -25.73 -2.39
C TYR E 132 15.69 -26.02 -3.86
N GLN E 133 16.08 -27.21 -4.32
CA GLN E 133 15.87 -27.62 -5.70
C GLN E 133 14.39 -27.76 -6.04
N ASP E 134 13.52 -27.95 -5.05
CA ASP E 134 12.08 -27.94 -5.26
C ASP E 134 11.51 -26.54 -5.43
N ILE E 135 12.24 -25.51 -5.00
CA ILE E 135 11.78 -24.11 -5.10
C ILE E 135 11.78 -23.66 -6.55
N PRO E 136 10.79 -22.89 -6.99
CA PRO E 136 10.82 -22.36 -8.37
C PRO E 136 12.16 -21.70 -8.69
N GLN E 137 12.69 -22.02 -9.87
CA GLN E 137 14.04 -21.61 -10.23
C GLN E 137 14.18 -20.10 -10.29
N HIS E 138 13.18 -19.41 -10.83
CA HIS E 138 13.27 -17.95 -10.93
C HIS E 138 13.47 -17.32 -9.56
N LEU E 139 12.88 -17.90 -8.51
CA LEU E 139 13.04 -17.31 -7.18
C LEU E 139 14.43 -17.57 -6.63
N LEU E 140 14.96 -18.78 -6.80
CA LEU E 140 16.35 -19.05 -6.42
C LEU E 140 17.29 -18.07 -7.07
N LEU E 141 17.09 -17.81 -8.37
CA LEU E 141 18.00 -16.91 -9.08
C LEU E 141 17.84 -15.47 -8.59
N SER E 142 16.59 -15.06 -8.27
CA SER E 142 16.40 -13.69 -7.79
CA SER E 142 16.36 -13.70 -7.78
C SER E 142 16.94 -13.49 -6.38
N ILE E 143 16.90 -14.53 -5.54
CA ILE E 143 17.50 -14.46 -4.21
C ILE E 143 19.01 -14.30 -4.34
N GLU E 144 19.62 -15.15 -5.18
CA GLU E 144 21.06 -15.10 -5.39
C GLU E 144 21.46 -13.72 -5.91
N HIS E 145 20.75 -13.24 -6.93
CA HIS E 145 21.03 -11.94 -7.49
C HIS E 145 20.84 -10.82 -6.46
N PHE E 146 19.83 -10.94 -5.60
CA PHE E 146 19.62 -9.87 -4.62
C PHE E 146 20.83 -9.77 -3.69
N PHE E 147 21.27 -10.90 -3.13
CA PHE E 147 22.37 -10.82 -2.17
C PHE E 147 23.69 -10.51 -2.84
N LYS E 148 23.84 -10.84 -4.12
CA LYS E 148 25.06 -10.46 -4.82
C LYS E 148 25.13 -8.95 -5.02
N HIS E 149 24.00 -8.27 -5.12
CA HIS E 149 24.02 -6.89 -5.61
C HIS E 149 23.45 -5.84 -4.67
N TYR E 150 22.71 -6.21 -3.63
CA TYR E 150 22.02 -5.14 -2.89
C TYR E 150 22.99 -4.20 -2.16
N LYS E 151 24.21 -4.65 -1.89
CA LYS E 151 25.21 -3.84 -1.21
CA LYS E 151 25.21 -3.83 -1.21
C LYS E 151 26.26 -3.28 -2.17
N ASP E 152 25.98 -3.32 -3.49
CA ASP E 152 26.96 -2.86 -4.47
C ASP E 152 27.39 -1.42 -4.25
N LEU E 153 26.53 -0.56 -3.70
CA LEU E 153 26.87 0.85 -3.53
C LEU E 153 27.28 1.16 -2.10
N GLU E 154 27.55 0.15 -1.29
CA GLU E 154 28.08 0.33 0.04
C GLU E 154 29.61 0.23 -0.04
N GLU E 155 30.29 1.32 0.31
CA GLU E 155 31.73 1.39 0.13
C GLU E 155 32.43 0.30 0.93
N GLY E 156 33.41 -0.35 0.30
CA GLY E 156 34.18 -1.35 1.01
C GLY E 156 33.51 -2.68 1.21
N LYS E 157 32.38 -2.93 0.56
CA LYS E 157 31.69 -4.20 0.69
C LYS E 157 31.64 -4.92 -0.66
N TRP E 158 31.62 -6.25 -0.59
CA TRP E 158 31.50 -7.08 -1.78
C TRP E 158 30.89 -8.42 -1.34
N VAL E 159 30.34 -9.15 -2.30
CA VAL E 159 29.75 -10.47 -2.04
C VAL E 159 30.20 -11.43 -3.13
N LYS E 160 30.65 -12.62 -2.72
CA LYS E 160 30.93 -13.72 -3.63
C LYS E 160 29.97 -14.84 -3.29
N VAL E 161 29.19 -15.28 -4.26
CA VAL E 161 28.25 -16.38 -4.04
C VAL E 161 28.99 -17.68 -4.25
N GLU E 162 29.10 -18.47 -3.18
CA GLU E 162 29.68 -19.79 -3.37
CA GLU E 162 29.67 -19.80 -3.34
C GLU E 162 28.66 -20.72 -4.02
N GLY E 163 27.45 -20.80 -3.47
CA GLY E 163 26.45 -21.70 -4.02
C GLY E 163 25.49 -22.18 -2.96
N TRP E 164 24.57 -23.05 -3.39
CA TRP E 164 23.53 -23.60 -2.55
C TRP E 164 23.95 -24.95 -1.98
N VAL E 165 23.50 -25.23 -0.76
CA VAL E 165 23.63 -26.55 -0.16
C VAL E 165 22.25 -26.95 0.36
N GLY E 166 22.10 -28.24 0.65
CA GLY E 166 20.82 -28.87 0.88
C GLY E 166 20.29 -28.78 2.29
N PRO E 167 19.15 -29.41 2.53
CA PRO E 167 18.54 -29.33 3.86
C PRO E 167 19.40 -29.91 4.97
N ASP E 168 20.15 -30.98 4.69
CA ASP E 168 21.01 -31.57 5.71
C ASP E 168 22.06 -30.58 6.18
N ALA E 169 22.73 -29.92 5.24
CA ALA E 169 23.74 -28.91 5.60
C ALA E 169 23.11 -27.73 6.36
N ALA E 170 21.92 -27.30 5.94
CA ALA E 170 21.25 -26.21 6.65
C ALA E 170 20.96 -26.59 8.11
N ARG E 171 20.43 -27.81 8.33
CA ARG E 171 20.13 -28.25 9.69
C ARG E 171 21.38 -28.36 10.55
N GLU E 172 22.49 -28.83 9.96
CA GLU E 172 23.77 -28.85 10.67
C GLU E 172 24.20 -27.45 11.09
N GLU E 173 24.01 -26.45 10.22
CA GLU E 173 24.34 -25.08 10.58
C GLU E 173 23.48 -24.61 11.74
N ILE E 174 22.18 -24.92 11.70
CA ILE E 174 21.29 -24.57 12.80
C ILE E 174 21.74 -25.24 14.10
N THR E 175 21.96 -26.55 14.06
CA THR E 175 22.31 -27.29 15.26
C THR E 175 23.63 -26.84 15.85
N SER E 176 24.66 -26.68 15.02
CA SER E 176 25.93 -26.18 15.54
C SER E 176 25.76 -24.80 16.17
N SER E 177 24.93 -23.95 15.57
CA SER E 177 24.73 -22.60 16.11
C SER E 177 23.84 -22.60 17.35
N ILE E 178 22.91 -23.53 17.47
CA ILE E 178 22.18 -23.67 18.73
C ILE E 178 23.14 -24.14 19.82
N ASN E 179 24.02 -25.10 19.48
CA ASN E 179 25.01 -25.59 20.43
C ASN E 179 25.95 -24.47 20.86
N ARG E 180 26.40 -23.67 19.90
CA ARG E 180 27.28 -22.56 20.22
C ARG E 180 26.61 -21.59 21.21
N TYR E 181 25.31 -21.35 21.04
CA TYR E 181 24.61 -20.39 21.91
C TYR E 181 24.46 -20.94 23.32
N ASN E 182 24.15 -22.23 23.44
CA ASN E 182 23.94 -22.82 24.76
C ASN E 182 25.22 -22.79 25.57
N HIS E 183 26.35 -23.04 24.92
CA HIS E 183 27.64 -23.03 25.61
C HIS E 183 27.94 -21.66 26.20
N THR E 184 27.59 -20.59 25.47
CA THR E 184 27.83 -19.25 25.96
C THR E 184 26.87 -18.82 27.07
N LYS E 185 25.92 -19.67 27.45
CA LYS E 185 24.92 -19.31 28.45
C LYS E 185 25.25 -19.85 29.83
N ILE F 14 -0.32 -4.17 30.74
CA ILE F 14 -1.53 -3.61 30.14
C ILE F 14 -2.75 -4.19 30.81
N GLN F 15 -3.56 -3.31 31.40
CA GLN F 15 -4.75 -3.74 32.11
C GLN F 15 -5.87 -4.07 31.11
N SER F 16 -6.95 -4.65 31.63
CA SER F 16 -8.08 -5.01 30.79
C SER F 16 -8.81 -3.78 30.25
N GLY F 17 -8.71 -2.65 30.94
CA GLY F 17 -9.36 -1.44 30.48
C GLY F 17 -9.62 -0.47 31.61
N ARG F 18 -9.99 0.75 31.21
CA ARG F 18 -10.20 1.82 32.18
C ARG F 18 -11.41 1.56 33.06
N ASP F 19 -12.57 1.27 32.46
CA ASP F 19 -13.81 1.02 33.20
C ASP F 19 -14.47 -0.26 32.67
N VAL F 20 -13.90 -1.40 33.03
CA VAL F 20 -14.44 -2.70 32.63
C VAL F 20 -15.78 -2.93 33.34
N PRO F 21 -16.81 -3.46 32.66
CA PRO F 21 -16.77 -3.94 31.28
C PRO F 21 -17.25 -2.93 30.23
N ASN F 22 -17.41 -1.67 30.63
CA ASN F 22 -17.94 -0.67 29.70
C ASN F 22 -16.90 -0.17 28.71
N GLU F 23 -15.65 -0.01 29.14
CA GLU F 23 -14.60 0.38 28.23
C GLU F 23 -13.45 -0.59 28.45
N VAL F 24 -12.97 -1.20 27.35
CA VAL F 24 -11.93 -2.22 27.44
C VAL F 24 -10.82 -1.91 26.46
N ASN F 25 -9.62 -2.35 26.83
CA ASN F 25 -8.47 -2.29 25.95
C ASN F 25 -8.41 -3.56 25.12
N VAL F 26 -8.21 -3.39 23.82
CA VAL F 26 -8.11 -4.50 22.89
C VAL F 26 -6.78 -4.40 22.19
N ILE F 27 -6.03 -5.49 22.20
CA ILE F 27 -4.75 -5.60 21.50
C ILE F 27 -5.04 -6.16 20.10
N ILE F 28 -4.64 -5.43 19.06
CA ILE F 28 -4.97 -5.82 17.70
C ILE F 28 -4.03 -6.92 17.24
N GLU F 29 -4.60 -8.02 16.72
CA GLU F 29 -3.78 -9.06 16.09
C GLU F 29 -3.77 -8.99 14.56
N ILE F 30 -4.91 -8.65 13.92
CA ILE F 30 -5.05 -8.67 12.48
C ILE F 30 -5.73 -7.36 12.05
N PRO F 31 -5.14 -6.58 11.15
CA PRO F 31 -5.79 -5.32 10.73
C PRO F 31 -7.00 -5.59 9.85
N MET F 32 -7.90 -4.62 9.83
CA MET F 32 -8.98 -4.69 8.84
C MET F 32 -8.37 -4.64 7.45
N HIS F 33 -8.97 -5.39 6.52
CA HIS F 33 -8.59 -5.33 5.10
C HIS F 33 -7.11 -5.60 4.90
N GLY F 34 -6.54 -6.48 5.71
CA GLY F 34 -5.11 -6.70 5.72
C GLY F 34 -4.70 -7.88 4.86
N GLU F 35 -3.42 -8.21 4.93
CA GLU F 35 -2.92 -9.37 4.21
C GLU F 35 -3.57 -10.63 4.78
N PRO F 36 -3.78 -11.63 3.96
CA PRO F 36 -4.38 -12.88 4.45
C PRO F 36 -3.42 -13.70 5.29
N VAL F 37 -2.90 -13.09 6.36
CA VAL F 37 -2.03 -13.75 7.32
C VAL F 37 -2.74 -13.71 8.65
N LYS F 38 -2.93 -14.88 9.25
CA LYS F 38 -3.72 -14.99 10.48
C LYS F 38 -2.73 -14.96 11.63
N TYR F 39 -2.39 -13.76 12.07
CA TYR F 39 -1.49 -13.59 13.20
C TYR F 39 -2.21 -13.83 14.51
N GLU F 40 -1.45 -14.28 15.51
CA GLU F 40 -1.95 -14.49 16.85
C GLU F 40 -0.86 -14.12 17.86
N VAL F 41 -1.25 -13.40 18.91
CA VAL F 41 -0.32 -13.12 20.00
C VAL F 41 -0.16 -14.37 20.84
N ASP F 42 1.10 -14.74 21.10
CA ASP F 42 1.39 -15.79 22.06
C ASP F 42 1.05 -15.25 23.44
N LYS F 43 -0.03 -15.75 24.04
CA LYS F 43 -0.52 -15.18 25.29
C LYS F 43 0.51 -15.30 26.41
N LYS F 44 1.40 -16.30 26.33
CA LYS F 44 2.45 -16.45 27.34
C LYS F 44 3.51 -15.36 27.21
N THR F 45 4.08 -15.19 26.01
CA THR F 45 5.21 -14.31 25.78
C THR F 45 4.85 -12.95 25.20
N GLY F 46 3.66 -12.79 24.63
CA GLY F 46 3.32 -11.55 23.98
C GLY F 46 3.86 -11.36 22.58
N ALA F 47 4.46 -12.39 21.99
CA ALA F 47 5.03 -12.27 20.64
C ALA F 47 3.95 -12.51 19.59
N LEU F 48 4.04 -11.78 18.48
CA LEU F 48 3.09 -11.96 17.38
C LEU F 48 3.59 -13.09 16.49
N PHE F 49 2.92 -14.24 16.57
CA PHE F 49 3.19 -15.43 15.78
C PHE F 49 2.27 -15.48 14.56
N VAL F 50 2.75 -16.16 13.52
CA VAL F 50 1.91 -16.55 12.39
C VAL F 50 1.22 -17.86 12.77
N ASP F 51 -0.10 -17.80 12.94
CA ASP F 51 -0.80 -19.06 13.19
C ASP F 51 -1.00 -19.86 11.91
N ARG F 52 -1.43 -19.22 10.84
CA ARG F 52 -1.62 -19.88 9.56
C ARG F 52 -1.88 -18.79 8.53
N PHE F 53 -1.90 -19.18 7.26
CA PHE F 53 -2.33 -18.25 6.21
C PHE F 53 -3.80 -18.50 5.90
N MET F 54 -4.50 -17.47 5.46
CA MET F 54 -5.85 -17.66 4.95
CA MET F 54 -5.86 -17.67 4.95
C MET F 54 -5.80 -18.52 3.70
N THR F 55 -6.71 -19.50 3.61
CA THR F 55 -6.80 -20.43 2.50
C THR F 55 -8.00 -20.17 1.61
N THR F 56 -8.85 -19.22 1.98
CA THR F 56 -9.88 -18.64 1.12
C THR F 56 -9.45 -17.21 0.81
N ALA F 57 -10.00 -16.65 -0.27
CA ALA F 57 -9.65 -15.30 -0.71
C ALA F 57 -10.52 -14.29 0.02
N MET F 58 -10.30 -14.19 1.34
CA MET F 58 -11.12 -13.35 2.19
C MET F 58 -10.21 -12.48 3.05
N PHE F 59 -10.77 -11.37 3.53
CA PHE F 59 -10.05 -10.46 4.42
C PHE F 59 -10.96 -10.08 5.58
N TYR F 60 -10.37 -9.74 6.72
CA TYR F 60 -11.19 -9.39 7.89
C TYR F 60 -11.87 -8.04 7.67
N PRO F 61 -13.21 -7.95 7.75
CA PRO F 61 -13.89 -6.67 7.52
C PRO F 61 -13.76 -5.64 8.64
N THR F 62 -13.27 -6.04 9.82
CA THR F 62 -12.92 -5.14 10.90
C THR F 62 -11.49 -5.51 11.33
N ASN F 63 -10.91 -4.73 12.23
CA ASN F 63 -9.71 -5.19 12.92
C ASN F 63 -10.09 -6.29 13.92
N TYR F 64 -9.11 -7.12 14.28
CA TYR F 64 -9.35 -8.31 15.10
C TYR F 64 -8.28 -8.44 16.18
N GLY F 65 -8.71 -8.68 17.41
CA GLY F 65 -7.78 -8.84 18.52
C GLY F 65 -8.44 -9.43 19.75
N TYR F 66 -7.84 -9.17 20.92
CA TYR F 66 -8.33 -9.77 22.15
C TYR F 66 -8.18 -8.79 23.32
N ILE F 67 -8.93 -9.03 24.39
CA ILE F 67 -8.83 -8.24 25.62
C ILE F 67 -7.82 -8.92 26.54
N PRO F 68 -6.75 -8.26 26.94
CA PRO F 68 -5.80 -8.89 27.88
C PRO F 68 -6.42 -9.10 29.25
N ASN F 69 -5.93 -10.12 29.95
CA ASN F 69 -6.37 -10.47 31.30
C ASN F 69 -7.84 -10.90 31.32
N THR F 70 -8.25 -11.65 30.30
CA THR F 70 -9.53 -12.32 30.27
C THR F 70 -9.29 -13.78 29.97
N LEU F 71 -10.22 -14.60 30.43
CA LEU F 71 -10.14 -16.06 30.28
C LEU F 71 -11.51 -16.53 29.81
N SER F 72 -11.72 -16.55 28.49
CA SER F 72 -12.93 -17.16 27.93
C SER F 72 -13.09 -18.61 28.37
N GLU F 73 -14.18 -19.26 27.91
CA GLU F 73 -14.41 -20.65 28.27
C GLU F 73 -13.37 -21.58 27.65
N ASP F 74 -12.87 -21.22 26.46
CA ASP F 74 -11.95 -22.06 25.70
C ASP F 74 -10.49 -21.92 26.14
N GLY F 75 -10.22 -21.14 27.18
CA GLY F 75 -8.87 -20.98 27.70
C GLY F 75 -8.07 -19.84 27.09
N ASP F 76 -8.60 -19.18 26.08
CA ASP F 76 -8.00 -18.02 25.44
C ASP F 76 -8.73 -16.75 25.87
N PRO F 77 -8.10 -15.58 25.77
CA PRO F 77 -8.80 -14.33 26.08
C PRO F 77 -10.00 -14.13 25.17
N VAL F 78 -10.85 -13.18 25.56
CA VAL F 78 -12.00 -12.78 24.77
C VAL F 78 -11.55 -12.14 23.46
N ASP F 79 -12.06 -12.65 22.33
CA ASP F 79 -11.79 -12.06 21.02
C ASP F 79 -12.70 -10.86 20.79
N VAL F 80 -12.18 -9.84 20.11
CA VAL F 80 -12.94 -8.63 19.83
C VAL F 80 -12.72 -8.20 18.38
N LEU F 81 -13.81 -7.91 17.69
CA LEU F 81 -13.78 -7.23 16.39
C LEU F 81 -13.92 -5.72 16.66
N VAL F 82 -12.96 -4.93 16.21
CA VAL F 82 -12.93 -3.50 16.46
C VAL F 82 -13.12 -2.76 15.15
N ILE F 83 -14.21 -2.00 15.05
CA ILE F 83 -14.49 -1.16 13.89
C ILE F 83 -13.70 0.14 14.00
N THR F 84 -12.99 0.52 12.95
CA THR F 84 -12.28 1.79 12.90
C THR F 84 -12.44 2.41 11.53
N PRO F 85 -12.23 3.72 11.39
CA PRO F 85 -12.40 4.35 10.07
C PRO F 85 -11.30 3.98 9.09
N VAL F 86 -10.09 3.70 9.57
CA VAL F 86 -8.98 3.22 8.76
C VAL F 86 -8.34 2.05 9.50
N PRO F 87 -7.56 1.23 8.80
CA PRO F 87 -6.98 0.06 9.47
C PRO F 87 -6.03 0.45 10.60
N LEU F 88 -6.01 -0.38 11.63
CA LEU F 88 -4.97 -0.33 12.64
C LEU F 88 -3.82 -1.27 12.23
N ILE F 89 -2.75 -1.33 13.03
CA ILE F 89 -1.64 -2.25 12.80
C ILE F 89 -1.67 -3.30 13.89
N SER F 90 -1.14 -4.49 13.57
CA SER F 90 -0.98 -5.54 14.57
C SER F 90 -0.11 -5.01 15.72
N GLY F 91 -0.50 -5.32 16.95
CA GLY F 91 0.24 -4.89 18.12
C GLY F 91 -0.23 -3.60 18.75
N ALA F 92 -1.05 -2.83 18.05
CA ALA F 92 -1.63 -1.62 18.64
C ALA F 92 -2.69 -1.98 19.66
N VAL F 93 -2.86 -1.11 20.66
CA VAL F 93 -3.90 -1.24 21.69
C VAL F 93 -4.91 -0.11 21.51
N ILE F 94 -6.20 -0.44 21.60
CA ILE F 94 -7.24 0.56 21.41
C ILE F 94 -8.29 0.41 22.49
N SER F 95 -8.67 1.51 23.12
CA SER F 95 -9.76 1.51 24.10
C SER F 95 -11.08 1.54 23.36
N CYS F 96 -11.97 0.58 23.65
CA CYS F 96 -13.21 0.49 22.89
C CYS F 96 -14.33 0.03 23.81
N ARG F 97 -15.53 -0.03 23.25
CA ARG F 97 -16.68 -0.44 24.03
C ARG F 97 -17.55 -1.36 23.19
N ALA F 98 -18.10 -2.38 23.83
CA ALA F 98 -18.86 -3.39 23.11
C ALA F 98 -20.22 -2.84 22.72
N VAL F 99 -20.62 -3.14 21.49
CA VAL F 99 -21.98 -2.85 21.02
C VAL F 99 -22.78 -4.10 20.76
N GLY F 100 -22.14 -5.27 20.81
CA GLY F 100 -22.86 -6.51 20.59
C GLY F 100 -21.88 -7.66 20.49
N MET F 101 -22.40 -8.81 20.10
CA MET F 101 -21.56 -9.99 20.07
C MET F 101 -22.13 -10.99 19.08
N LEU F 102 -21.26 -11.55 18.26
CA LEU F 102 -21.63 -12.58 17.30
C LEU F 102 -21.35 -13.94 17.93
N LYS F 103 -22.41 -14.69 18.22
CA LYS F 103 -22.29 -16.00 18.86
C LYS F 103 -22.07 -17.07 17.79
N MET F 104 -21.08 -17.93 18.02
CA MET F 104 -20.71 -18.97 17.06
C MET F 104 -20.21 -20.18 17.82
N THR F 105 -20.16 -21.32 17.12
CA THR F 105 -19.46 -22.49 17.63
C THR F 105 -18.55 -23.01 16.52
N ASP F 106 -17.33 -23.41 16.89
CA ASP F 106 -16.40 -23.97 15.92
C ASP F 106 -15.89 -25.29 16.43
N GLU F 107 -14.83 -25.81 15.81
CA GLU F 107 -14.36 -27.15 16.18
C GLU F 107 -13.91 -27.27 17.62
N SER F 108 -13.52 -26.17 18.26
CA SER F 108 -13.09 -26.22 19.66
C SER F 108 -14.20 -25.94 20.67
N GLY F 109 -15.38 -25.58 20.20
CA GLY F 109 -16.54 -25.31 21.04
C GLY F 109 -17.13 -23.94 20.78
N VAL F 110 -17.62 -23.33 21.85
CA VAL F 110 -18.29 -22.04 21.68
C VAL F 110 -17.23 -20.98 21.43
N ASP F 111 -17.56 -20.00 20.59
CA ASP F 111 -16.60 -18.99 20.18
C ASP F 111 -17.38 -17.71 19.90
N ALA F 112 -17.67 -16.97 20.96
CA ALA F 112 -18.26 -15.65 20.82
C ALA F 112 -17.19 -14.63 20.50
N LYS F 113 -17.53 -13.66 19.65
CA LYS F 113 -16.64 -12.56 19.32
C LYS F 113 -17.37 -11.24 19.53
N ILE F 114 -16.78 -10.39 20.36
CA ILE F 114 -17.37 -9.10 20.71
C ILE F 114 -17.23 -8.15 19.52
N LEU F 115 -18.26 -7.33 19.28
CA LEU F 115 -18.15 -6.25 18.30
C LEU F 115 -18.03 -4.95 19.07
N ALA F 116 -17.00 -4.16 18.78
CA ALA F 116 -16.74 -2.97 19.57
C ALA F 116 -16.42 -1.81 18.66
N VAL F 117 -16.63 -0.61 19.17
CA VAL F 117 -16.25 0.63 18.49
C VAL F 117 -15.34 1.40 19.43
N PRO F 118 -14.50 2.29 18.89
CA PRO F 118 -13.68 3.13 19.77
C PRO F 118 -14.56 3.92 20.72
N THR F 119 -14.02 4.19 21.92
CA THR F 119 -14.69 5.07 22.85
C THR F 119 -14.77 6.49 22.29
N THR F 120 -15.64 7.27 22.91
CA THR F 120 -15.88 8.62 22.42
C THR F 120 -14.65 9.53 22.59
N LYS F 121 -13.79 9.26 23.58
CA LYS F 121 -12.53 10.00 23.66
C LYS F 121 -11.67 9.79 22.41
N LEU F 122 -11.66 8.57 21.86
CA LEU F 122 -10.83 8.34 20.70
C LEU F 122 -11.49 8.89 19.44
N SER F 123 -12.81 8.79 19.34
CA SER F 123 -13.49 9.25 18.14
C SER F 123 -14.94 9.48 18.50
N LYS F 124 -15.44 10.69 18.30
CA LYS F 124 -16.85 10.92 18.56
C LYS F 124 -17.73 10.39 17.45
N MET F 125 -17.16 9.96 16.32
CA MET F 125 -18.02 9.52 15.22
C MET F 125 -18.82 8.26 15.56
N TYR F 126 -18.42 7.52 16.61
CA TYR F 126 -19.10 6.29 16.99
C TYR F 126 -20.02 6.44 18.20
N GLN F 127 -20.20 7.67 18.70
CA GLN F 127 -20.95 7.86 19.93
C GLN F 127 -22.40 7.45 19.79
N SER F 128 -23.00 7.61 18.62
CA SER F 128 -24.40 7.20 18.46
C SER F 128 -24.56 5.70 18.19
N MET F 129 -23.47 4.94 18.12
CA MET F 129 -23.53 3.50 17.92
C MET F 129 -23.65 2.84 19.29
N GLN F 130 -24.86 2.48 19.67
CA GLN F 130 -25.08 1.88 20.97
C GLN F 130 -25.29 0.37 20.91
N THR F 131 -25.91 -0.13 19.85
CA THR F 131 -26.13 -1.55 19.70
C THR F 131 -25.71 -1.98 18.30
N TYR F 132 -25.50 -3.29 18.12
CA TYR F 132 -25.06 -3.79 16.82
C TYR F 132 -26.04 -3.42 15.71
N GLN F 133 -27.33 -3.27 16.05
CA GLN F 133 -28.32 -2.81 15.07
C GLN F 133 -28.05 -1.39 14.59
N ASP F 134 -27.30 -0.60 15.35
CA ASP F 134 -26.91 0.72 14.87
C ASP F 134 -25.80 0.66 13.82
N ILE F 135 -25.04 -0.43 13.80
CA ILE F 135 -23.95 -0.59 12.82
C ILE F 135 -24.54 -0.77 11.44
N PRO F 136 -23.96 -0.18 10.39
CA PRO F 136 -24.50 -0.35 9.03
C PRO F 136 -24.74 -1.81 8.67
N GLN F 137 -25.91 -2.08 8.09
CA GLN F 137 -26.32 -3.47 7.87
C GLN F 137 -25.35 -4.20 6.95
N HIS F 138 -24.82 -3.52 5.94
CA HIS F 138 -23.89 -4.21 5.02
C HIS F 138 -22.67 -4.74 5.76
N LEU F 139 -22.20 -4.03 6.79
CA LEU F 139 -21.04 -4.49 7.55
C LEU F 139 -21.39 -5.65 8.48
N LEU F 140 -22.55 -5.59 9.14
CA LEU F 140 -23.00 -6.74 9.91
C LEU F 140 -23.06 -8.00 9.04
N LEU F 141 -23.59 -7.86 7.83
CA LEU F 141 -23.74 -9.04 6.98
C LEU F 141 -22.39 -9.56 6.50
N SER F 142 -21.45 -8.67 6.18
CA SER F 142 -20.16 -9.15 5.71
C SER F 142 -19.35 -9.80 6.83
N ILE F 143 -19.49 -9.29 8.07
CA ILE F 143 -18.89 -9.95 9.24
C ILE F 143 -19.44 -11.35 9.39
N GLU F 144 -20.76 -11.48 9.36
CA GLU F 144 -21.40 -12.78 9.48
C GLU F 144 -20.91 -13.72 8.40
N HIS F 145 -20.92 -13.23 7.16
CA HIS F 145 -20.47 -14.04 6.03
C HIS F 145 -19.00 -14.43 6.17
N PHE F 146 -18.16 -13.52 6.66
CA PHE F 146 -16.73 -13.83 6.76
C PHE F 146 -16.49 -15.02 7.69
N PHE F 147 -17.08 -14.99 8.89
CA PHE F 147 -16.80 -16.09 9.81
C PHE F 147 -17.51 -17.37 9.40
N LYS F 148 -18.60 -17.25 8.63
CA LYS F 148 -19.25 -18.45 8.13
C LYS F 148 -18.34 -19.20 7.17
N HIS F 149 -17.44 -18.49 6.48
CA HIS F 149 -16.78 -19.11 5.35
C HIS F 149 -15.26 -19.14 5.40
N TYR F 150 -14.61 -18.39 6.31
CA TYR F 150 -13.16 -18.28 6.28
C TYR F 150 -12.44 -19.57 6.65
N LYS F 151 -13.14 -20.57 7.20
CA LYS F 151 -12.54 -21.86 7.45
C LYS F 151 -13.00 -22.93 6.46
N ASP F 152 -13.66 -22.51 5.37
CA ASP F 152 -14.25 -23.50 4.45
C ASP F 152 -13.20 -24.44 3.86
N LEU F 153 -11.98 -23.95 3.67
CA LEU F 153 -10.92 -24.76 3.10
C LEU F 153 -9.89 -25.22 4.12
N GLU F 154 -10.19 -25.10 5.42
CA GLU F 154 -9.32 -25.61 6.48
C GLU F 154 -9.82 -26.98 6.94
N GLU F 155 -9.08 -28.03 6.61
CA GLU F 155 -9.52 -29.38 6.99
C GLU F 155 -9.38 -29.55 8.49
N GLY F 156 -10.45 -30.00 9.12
CA GLY F 156 -10.49 -30.14 10.57
C GLY F 156 -10.81 -28.87 11.33
N LYS F 157 -11.21 -27.78 10.65
CA LYS F 157 -11.70 -26.58 11.30
C LYS F 157 -13.04 -26.24 10.66
N TRP F 158 -13.99 -25.73 11.44
CA TRP F 158 -15.30 -25.39 10.88
C TRP F 158 -16.00 -24.39 11.80
N VAL F 159 -17.05 -23.74 11.28
CA VAL F 159 -17.78 -22.74 12.03
C VAL F 159 -19.28 -22.85 11.74
N LYS F 160 -20.11 -22.75 12.77
CA LYS F 160 -21.55 -22.49 12.60
C LYS F 160 -21.85 -21.17 13.31
N VAL F 161 -22.39 -20.20 12.56
CA VAL F 161 -22.72 -18.87 13.08
C VAL F 161 -24.14 -18.90 13.65
N GLU F 162 -24.28 -18.55 14.92
CA GLU F 162 -25.58 -18.58 15.58
C GLU F 162 -26.36 -17.29 15.38
N GLY F 163 -25.75 -16.15 15.67
CA GLY F 163 -26.47 -14.89 15.58
C GLY F 163 -25.90 -13.86 16.53
N TRP F 164 -26.50 -12.67 16.48
CA TRP F 164 -26.06 -11.52 17.24
C TRP F 164 -26.83 -11.39 18.54
N VAL F 165 -26.15 -10.90 19.57
CA VAL F 165 -26.80 -10.50 20.81
C VAL F 165 -26.29 -9.11 21.18
N GLY F 166 -26.98 -8.46 22.10
CA GLY F 166 -26.80 -7.03 22.30
C GLY F 166 -25.63 -6.69 23.19
N PRO F 167 -25.47 -5.38 23.41
CA PRO F 167 -24.31 -4.90 24.20
C PRO F 167 -24.29 -5.44 25.62
N ASP F 168 -25.45 -5.59 26.23
CA ASP F 168 -25.52 -6.10 27.58
C ASP F 168 -24.97 -7.51 27.65
N ALA F 169 -25.38 -8.35 26.69
CA ALA F 169 -24.88 -9.72 26.63
C ALA F 169 -23.39 -9.74 26.34
N ALA F 170 -22.92 -8.83 25.48
CA ALA F 170 -21.49 -8.70 25.24
C ALA F 170 -20.77 -8.36 26.53
N ARG F 171 -21.32 -7.40 27.28
CA ARG F 171 -20.70 -7.00 28.54
C ARG F 171 -20.74 -8.12 29.56
N GLU F 172 -21.82 -8.93 29.55
CA GLU F 172 -21.89 -10.14 30.38
C GLU F 172 -20.72 -11.06 30.09
N GLU F 173 -20.40 -11.25 28.81
CA GLU F 173 -19.27 -12.12 28.44
C GLU F 173 -17.95 -11.54 28.93
N ILE F 174 -17.76 -10.23 28.76
CA ILE F 174 -16.52 -9.63 29.25
C ILE F 174 -16.39 -9.87 30.74
N THR F 175 -17.45 -9.57 31.49
CA THR F 175 -17.41 -9.78 32.92
C THR F 175 -17.18 -11.25 33.27
N SER F 176 -17.90 -12.17 32.61
CA SER F 176 -17.72 -13.59 32.92
C SER F 176 -16.27 -14.03 32.71
N SER F 177 -15.65 -13.59 31.63
CA SER F 177 -14.29 -14.02 31.31
C SER F 177 -13.23 -13.30 32.15
N ILE F 178 -13.51 -12.07 32.55
CA ILE F 178 -12.61 -11.38 33.46
C ILE F 178 -12.60 -12.06 34.83
N ASN F 179 -13.77 -12.56 35.27
CA ASN F 179 -13.83 -13.22 36.57
C ASN F 179 -12.89 -14.41 36.64
N ARG F 180 -12.89 -15.26 35.60
CA ARG F 180 -12.05 -16.45 35.62
C ARG F 180 -10.56 -16.10 35.76
N TYR F 181 -10.15 -14.99 35.16
CA TYR F 181 -8.74 -14.64 35.20
C TYR F 181 -8.30 -14.30 36.61
N ASN F 182 -9.19 -13.69 37.40
CA ASN F 182 -8.82 -13.27 38.75
C ASN F 182 -8.60 -14.46 39.69
N HIS F 183 -9.53 -15.42 39.71
CA HIS F 183 -9.34 -16.59 40.57
C HIS F 183 -8.19 -17.46 40.07
N THR F 184 -8.01 -17.54 38.76
CA THR F 184 -6.95 -18.34 38.17
C THR F 184 -5.65 -17.54 38.07
NA NA G . -9.73 22.81 17.44
NA NA H . -10.79 13.14 17.88
C1 MPD I . 2.85 16.56 1.40
C2 MPD I . 4.05 17.49 1.33
O2 MPD I . 4.62 17.54 2.67
CM MPD I . 3.57 18.87 0.88
C3 MPD I . 5.14 16.93 0.42
C4 MPD I . 4.78 16.88 -1.07
O4 MPD I . 5.89 17.32 -1.85
C5 MPD I . 4.44 15.45 -1.48
N ALA J . 5.62 8.45 -1.42
CA ALA J . 6.83 8.26 -0.62
C ALA J . 7.69 7.13 -1.18
O ALA J . 7.90 7.03 -2.40
CB ALA J . 6.47 8.00 0.84
OXT ALA J . 8.19 6.28 -0.44
C1 MRD K . -0.65 10.45 1.02
C2 MRD K . -1.29 9.14 1.45
O2 MRD K . -0.29 8.38 2.14
CM MRD K . -1.72 8.33 0.23
C3 MRD K . -2.46 9.39 2.42
C4 MRD K . -3.01 8.18 3.13
O4 MRD K . -3.72 7.32 2.22
C5 MRD K . -3.92 8.52 4.28
C1 MPD L . -10.32 12.75 8.17
C2 MPD L . -11.51 12.01 7.57
O2 MPD L . -11.76 12.54 6.24
CM MPD L . -12.77 12.22 8.40
C3 MPD L . -11.19 10.52 7.44
C4 MPD L . -10.91 9.83 8.77
O4 MPD L . -12.10 9.43 9.41
C5 MPD L . -10.09 8.59 8.50
C1 MPD M . -6.21 -16.97 -0.71
C2 MPD M . -5.27 -17.47 -1.80
O2 MPD M . -5.87 -17.19 -3.08
CM MPD M . -5.06 -18.98 -1.68
C3 MPD M . -3.94 -16.74 -1.71
C4 MPD M . -3.30 -16.94 -0.35
O4 MPD M . -2.36 -17.99 -0.42
C5 MPD M . -2.62 -15.66 0.10
NA NA N . 16.97 4.57 -24.79
C1 MPD O . 15.65 3.31 -3.95
C2 MPD O . 16.77 4.34 -4.01
O2 MPD O . 16.89 4.82 -5.36
CM MPD O . 18.09 3.69 -3.63
C3 MPD O . 16.42 5.53 -3.12
C4 MPD O . 16.28 5.10 -1.67
O4 MPD O . 17.12 5.93 -0.89
C5 MPD O . 14.83 5.27 -1.21
N ALA P . 0.80 -10.27 -1.87
CA ALA P . 1.28 -10.46 -3.24
C ALA P . 2.61 -9.73 -3.48
O ALA P . 2.88 -9.28 -4.59
CB ALA P . 0.22 -9.99 -4.23
OXT ALA P . 3.43 -9.60 -2.56
C1 MPD Q . 9.85 -0.40 -3.17
C2 MPD Q . 8.58 -1.24 -3.21
O2 MPD Q . 8.71 -2.26 -2.19
CM MPD Q . 7.38 -0.35 -2.91
C3 MPD Q . 8.39 -1.96 -4.54
C4 MPD Q . 8.15 -3.45 -4.30
O4 MPD Q . 7.08 -3.58 -3.40
C5 MPD Q . 7.80 -4.22 -5.56
C1 MPD R . 11.16 -10.11 -7.95
C2 MPD R . 11.20 -11.62 -8.19
O2 MPD R . 11.89 -12.25 -7.09
CM MPD R . 11.94 -11.91 -9.49
C3 MPD R . 9.80 -12.22 -8.19
C4 MPD R . 8.93 -11.78 -9.37
O4 MPD R . 8.43 -12.91 -10.06
C5 MPD R . 7.79 -10.93 -8.84
C1 MPD S . -16.01 -5.40 2.52
C2 MPD S . -17.32 -4.89 3.13
O2 MPD S . -17.39 -5.35 4.50
CM MPD S . -18.51 -5.44 2.36
C3 MPD S . -17.32 -3.37 3.17
C4 MPD S . -17.39 -2.82 1.74
O4 MPD S . -18.60 -2.11 1.58
C5 MPD S . -16.20 -1.92 1.47
NA NA T . -13.12 -26.88 7.29
#